data_2W8G
#
_entry.id   2W8G
#
_cell.length_a   134.510
_cell.length_b   173.628
_cell.length_c   129.119
_cell.angle_alpha   90.00
_cell.angle_beta   90.00
_cell.angle_gamma   90.00
#
_symmetry.space_group_name_H-M   'C 2 2 21'
#
loop_
_entity.id
_entity.type
_entity.pdbx_description
1 polymer 'SOLUBLE ACETYLCHOLINE RECEPTOR'
2 non-polymer (3-ENDO,8-ANTI)-8-BENZYL-3-(10,11-DIHYDRO-5H-DIBENZO[A,D][7]ANNULEN-5-YLOXY)-8-AZONIABICYCLO[3.2.1]OCTANE
3 water water
#
_entity_poly.entity_id   1
_entity_poly.type   'polypeptide(L)'
_entity_poly.pdbx_seq_one_letter_code
;QANLMRLKSDLFNRSPMYPGPTKDDPLTVTLGFTLQDIVKVDSSTNEVDLVYYEQQRWKLNSLMWDPNEYGNITDFRTSA
ADIWTPDITAYSSTRPVQVLSPQIAVVTHDGSVMFIPAQRLSFMCDPTGVDSEEGVTCAVKFGSWVYSGFEIDLKTDTDQ
VDLSSYYASSKYEILSATQTRQVQHYSCCPEPYIDVNLVVKFRERRAGNGFFRNLFD
;
_entity_poly.pdbx_strand_id   A,B,C,D,E
#
loop_
_chem_comp.id
_chem_comp.type
_chem_comp.name
_chem_comp.formula
BS2 non-polymer (3-ENDO,8-ANTI)-8-BENZYL-3-(10,11-DIHYDRO-5H-DIBENZO[A,D][7]ANNULEN-5-YLOXY)-8-AZONIABICYCLO[3.2.1]OCTANE 'C29 H32 N O 1'
#
# COMPACT_ATOMS: atom_id res chain seq x y z
N GLN A 1 -32.00 -1.38 -14.38
CA GLN A 1 -30.99 -2.26 -13.76
C GLN A 1 -31.13 -3.65 -14.37
N ALA A 2 -32.35 -4.16 -14.56
CA ALA A 2 -32.53 -5.49 -15.19
C ALA A 2 -31.74 -5.55 -16.49
N ASN A 3 -32.06 -4.66 -17.42
CA ASN A 3 -31.34 -4.61 -18.68
C ASN A 3 -29.81 -4.41 -18.57
N LEU A 4 -29.36 -3.47 -17.75
CA LEU A 4 -27.92 -3.19 -17.68
C LEU A 4 -27.16 -4.35 -17.05
N MET A 5 -27.78 -5.04 -16.11
CA MET A 5 -27.17 -6.23 -15.51
C MET A 5 -26.91 -7.29 -16.56
N ARG A 6 -27.92 -7.51 -17.37
CA ARG A 6 -27.88 -8.48 -18.44
C ARG A 6 -26.75 -8.15 -19.41
N LEU A 7 -26.70 -6.89 -19.84
CA LEU A 7 -25.67 -6.40 -20.74
C LEU A 7 -24.30 -6.64 -20.20
N LYS A 8 -24.10 -6.27 -18.94
CA LYS A 8 -22.77 -6.37 -18.34
C LYS A 8 -22.35 -7.84 -18.24
N SER A 9 -23.28 -8.66 -17.79
CA SER A 9 -23.09 -10.09 -17.80
C SER A 9 -22.74 -10.64 -19.18
N ASP A 10 -23.46 -10.15 -20.21
CA ASP A 10 -23.24 -10.62 -21.60
C ASP A 10 -21.87 -10.23 -22.10
N LEU A 11 -21.51 -8.97 -21.91
CA LEU A 11 -20.19 -8.47 -22.32
C LEU A 11 -19.02 -9.10 -21.55
N PHE A 12 -19.17 -9.29 -20.24
CA PHE A 12 -18.04 -9.62 -19.40
C PHE A 12 -17.88 -11.07 -18.93
N ASN A 13 -18.99 -11.77 -18.68
CA ASN A 13 -18.93 -13.15 -18.21
C ASN A 13 -19.03 -14.21 -19.31
N ARG A 14 -19.49 -13.84 -20.51
CA ARG A 14 -19.65 -14.85 -21.62
C ARG A 14 -18.41 -15.08 -22.49
N SER A 15 -17.34 -14.31 -22.23
CA SER A 15 -16.09 -14.39 -23.02
C SER A 15 -14.92 -13.80 -22.22
N PRO A 16 -13.69 -14.16 -22.60
CA PRO A 16 -12.59 -13.58 -21.85
C PRO A 16 -12.40 -12.12 -22.21
N MET A 17 -11.48 -11.51 -21.52
CA MET A 17 -11.20 -10.10 -21.67
C MET A 17 -10.43 -9.89 -22.98
N TYR A 18 -10.58 -8.73 -23.60
CA TYR A 18 -9.77 -8.39 -24.76
C TYR A 18 -8.28 -8.57 -24.40
N PRO A 19 -7.55 -9.39 -25.16
CA PRO A 19 -6.15 -9.71 -24.84
C PRO A 19 -5.12 -8.64 -25.19
N GLY A 20 -5.58 -7.50 -25.72
CA GLY A 20 -4.72 -6.39 -26.16
C GLY A 20 -4.39 -6.54 -27.62
N PRO A 21 -3.87 -5.49 -28.25
CA PRO A 21 -3.65 -5.45 -29.69
C PRO A 21 -2.45 -6.23 -30.17
N THR A 22 -2.50 -6.64 -31.43
CA THR A 22 -1.37 -7.28 -32.10
C THR A 22 -1.08 -6.47 -33.36
N LYS A 23 0.00 -6.86 -34.04
CA LYS A 23 0.42 -6.25 -35.29
C LYS A 23 -0.62 -6.37 -36.41
N ASP A 24 -1.29 -7.52 -36.49
CA ASP A 24 -2.41 -7.69 -37.43
C ASP A 24 -3.71 -6.97 -37.03
N ASP A 25 -3.87 -6.64 -35.74
CA ASP A 25 -5.08 -5.95 -35.27
C ASP A 25 -4.68 -4.87 -34.34
N PRO A 26 -4.10 -3.79 -34.87
CA PRO A 26 -3.68 -2.70 -34.03
C PRO A 26 -4.86 -1.89 -33.48
N LEU A 27 -4.61 -1.10 -32.45
CA LEU A 27 -5.61 -0.30 -31.83
C LEU A 27 -5.07 1.12 -31.70
N THR A 28 -5.92 2.10 -31.94
CA THR A 28 -5.51 3.48 -31.86
C THR A 28 -6.01 4.01 -30.54
N VAL A 29 -5.14 4.63 -29.73
CA VAL A 29 -5.53 5.23 -28.44
C VAL A 29 -5.40 6.76 -28.54
N THR A 30 -6.42 7.49 -28.11
CA THR A 30 -6.34 8.94 -28.13
C THR A 30 -6.18 9.53 -26.74
N LEU A 31 -5.14 10.37 -26.59
CA LEU A 31 -4.74 10.95 -25.35
C LEU A 31 -4.98 12.40 -25.40
N GLY A 32 -5.43 12.98 -24.30
CA GLY A 32 -5.49 14.44 -24.12
C GLY A 32 -5.37 14.78 -22.64
N PHE A 33 -4.72 15.90 -22.34
CA PHE A 33 -4.46 16.31 -20.95
C PHE A 33 -5.28 17.54 -20.59
N THR A 34 -5.78 17.55 -19.37
CA THR A 34 -6.36 18.72 -18.74
C THR A 34 -5.51 19.03 -17.51
N LEU A 35 -4.78 20.13 -17.55
CA LEU A 35 -3.76 20.42 -16.54
C LEU A 35 -4.37 21.29 -15.46
N GLN A 36 -4.35 20.79 -14.24
CA GLN A 36 -4.97 21.48 -13.12
C GLN A 36 -4.04 22.29 -12.27
N ASP A 37 -2.86 21.77 -11.98
CA ASP A 37 -1.97 22.49 -11.09
C ASP A 37 -0.54 22.00 -11.20
N ILE A 38 0.38 22.96 -11.26
CA ILE A 38 1.75 22.67 -10.89
C ILE A 38 1.81 22.91 -9.40
N VAL A 39 1.80 21.84 -8.62
CA VAL A 39 1.75 21.91 -7.17
C VAL A 39 3.04 22.40 -6.54
N LYS A 40 4.18 22.03 -7.11
CA LYS A 40 5.46 22.05 -6.36
C LYS A 40 6.67 21.86 -7.23
N VAL A 41 7.75 22.51 -6.86
CA VAL A 41 8.98 22.47 -7.60
C VAL A 41 10.12 22.22 -6.54
N ASP A 42 11.05 21.35 -6.87
CA ASP A 42 12.13 21.01 -5.96
C ASP A 42 13.41 21.27 -6.72
N SER A 43 14.00 22.44 -6.49
CA SER A 43 15.23 22.76 -7.21
C SER A 43 16.44 21.96 -6.70
N SER A 44 16.33 21.32 -5.54
CA SER A 44 17.44 20.55 -5.06
C SER A 44 17.49 19.13 -5.69
N THR A 45 16.34 18.58 -6.13
CA THR A 45 16.32 17.31 -6.89
C THR A 45 15.99 17.42 -8.38
N ASN A 46 15.57 18.59 -8.81
CA ASN A 46 15.08 18.80 -10.16
C ASN A 46 13.92 17.85 -10.47
N GLU A 47 12.92 17.92 -9.57
CA GLU A 47 11.63 17.25 -9.71
C GLU A 47 10.50 18.28 -9.65
N VAL A 48 9.51 18.11 -10.52
CA VAL A 48 8.29 18.96 -10.50
C VAL A 48 7.06 18.08 -10.42
N ASP A 49 6.04 18.53 -9.68
CA ASP A 49 4.84 17.76 -9.44
C ASP A 49 3.66 18.39 -10.16
N LEU A 50 2.99 17.64 -11.04
CA LEU A 50 1.82 18.14 -11.73
C LEU A 50 0.61 17.40 -11.23
N VAL A 51 -0.54 18.06 -11.21
CA VAL A 51 -1.83 17.43 -11.04
C VAL A 51 -2.61 17.74 -12.33
N TYR A 52 -3.12 16.66 -12.95
CA TYR A 52 -3.90 16.75 -14.19
C TYR A 52 -4.85 15.60 -14.26
N TYR A 53 -5.64 15.57 -15.34
CA TYR A 53 -6.35 14.37 -15.67
C TYR A 53 -6.17 14.09 -17.16
N GLU A 54 -6.06 12.80 -17.48
CA GLU A 54 -5.68 12.31 -18.77
C GLU A 54 -6.82 11.52 -19.40
N GLN A 55 -7.38 12.04 -20.49
CA GLN A 55 -8.49 11.40 -21.21
C GLN A 55 -7.95 10.33 -22.17
N GLN A 56 -8.28 9.07 -21.93
CA GLN A 56 -7.80 8.00 -22.78
C GLN A 56 -9.01 7.51 -23.55
N ARG A 57 -8.84 7.22 -24.83
CA ARG A 57 -10.00 6.79 -25.66
C ARG A 57 -9.59 5.75 -26.69
N TRP A 58 -10.40 4.68 -26.80
CA TRP A 58 -10.22 3.66 -27.82
C TRP A 58 -11.54 2.96 -28.11
N LYS A 59 -11.53 2.03 -29.05
CA LYS A 59 -12.75 1.39 -29.52
C LYS A 59 -12.48 -0.07 -29.81
N LEU A 60 -13.25 -0.94 -29.20
CA LEU A 60 -13.11 -2.38 -29.37
C LEU A 60 -14.40 -2.96 -29.95
N ASN A 61 -14.30 -3.80 -30.97
CA ASN A 61 -15.50 -4.47 -31.53
C ASN A 61 -16.19 -5.35 -30.49
N SER A 62 -15.40 -5.99 -29.64
CA SER A 62 -15.95 -6.88 -28.66
C SER A 62 -16.88 -6.21 -27.64
N LEU A 63 -16.70 -4.91 -27.43
CA LEU A 63 -17.49 -4.17 -26.43
C LEU A 63 -18.77 -3.55 -27.03
N MET A 64 -19.08 -3.96 -28.24
CA MET A 64 -20.13 -3.34 -29.04
C MET A 64 -21.44 -4.06 -28.71
N TRP A 65 -22.56 -3.34 -28.72
CA TRP A 65 -23.89 -3.98 -28.55
C TRP A 65 -25.01 -3.15 -29.15
N ASP A 66 -26.12 -3.80 -29.48
CA ASP A 66 -27.26 -3.10 -30.08
C ASP A 66 -28.21 -2.62 -28.98
N PRO A 67 -28.39 -1.29 -28.83
CA PRO A 67 -29.26 -0.74 -27.79
C PRO A 67 -30.68 -1.25 -27.79
N ASN A 68 -31.24 -1.63 -28.93
CA ASN A 68 -32.62 -2.15 -28.96
C ASN A 68 -32.78 -3.46 -28.18
N GLU A 69 -31.73 -4.25 -28.08
CA GLU A 69 -31.77 -5.48 -27.29
C GLU A 69 -31.52 -5.28 -25.79
N TYR A 70 -31.21 -4.06 -25.34
CA TYR A 70 -30.92 -3.84 -23.91
C TYR A 70 -31.59 -2.55 -23.40
N GLY A 71 -32.88 -2.45 -23.67
CA GLY A 71 -33.72 -1.38 -23.16
C GLY A 71 -33.26 -0.01 -23.62
N ASN A 72 -32.84 0.11 -24.87
CA ASN A 72 -32.36 1.38 -25.40
C ASN A 72 -31.20 2.01 -24.59
N ILE A 73 -30.43 1.20 -23.86
CA ILE A 73 -29.25 1.70 -23.18
C ILE A 73 -28.11 1.95 -24.17
N THR A 74 -27.55 3.17 -24.15
CA THR A 74 -26.59 3.55 -25.16
C THR A 74 -25.19 3.61 -24.61
N ASP A 75 -25.04 3.61 -23.29
CA ASP A 75 -23.72 3.63 -22.66
C ASP A 75 -23.83 3.29 -21.20
N PHE A 76 -22.72 2.97 -20.56
CA PHE A 76 -22.74 2.64 -19.12
C PHE A 76 -21.38 2.88 -18.47
N ARG A 77 -21.36 2.87 -17.15
CA ARG A 77 -20.11 3.15 -16.48
C ARG A 77 -19.80 1.83 -15.84
N THR A 78 -18.52 1.48 -15.81
CA THR A 78 -18.11 0.31 -15.11
C THR A 78 -16.67 0.44 -14.68
N SER A 79 -16.35 -0.33 -13.66
CA SER A 79 -15.04 -0.36 -13.09
C SER A 79 -13.99 -0.74 -14.15
N ALA A 80 -12.86 -0.02 -14.16
CA ALA A 80 -11.76 -0.25 -15.09
C ALA A 80 -11.12 -1.65 -14.96
N ALA A 81 -11.38 -2.35 -13.87
CA ALA A 81 -10.88 -3.70 -13.72
C ALA A 81 -11.72 -4.69 -14.53
N ASP A 82 -12.88 -4.24 -15.05
CA ASP A 82 -13.75 -5.12 -15.83
C ASP A 82 -13.30 -5.14 -17.27
N ILE A 83 -12.46 -4.19 -17.66
CA ILE A 83 -12.07 -4.08 -19.06
C ILE A 83 -10.55 -3.96 -19.22
N TRP A 84 -10.09 -4.19 -20.43
CA TRP A 84 -8.69 -3.97 -20.78
C TRP A 84 -8.46 -2.48 -20.80
N THR A 85 -7.28 -2.07 -20.36
CA THR A 85 -6.86 -0.68 -20.50
C THR A 85 -5.46 -0.63 -21.02
N PRO A 86 -5.12 0.44 -21.75
CA PRO A 86 -3.78 0.52 -22.30
C PRO A 86 -2.76 0.85 -21.22
N ASP A 87 -1.53 0.33 -21.40
CA ASP A 87 -0.41 0.51 -20.48
C ASP A 87 0.32 1.83 -20.68
N ILE A 88 -0.42 2.94 -20.67
CA ILE A 88 0.14 4.24 -20.98
C ILE A 88 0.83 4.69 -19.75
N THR A 89 2.07 5.17 -19.89
CA THR A 89 2.88 5.55 -18.73
C THR A 89 3.73 6.76 -19.05
N ALA A 90 4.07 7.53 -18.02
CA ALA A 90 5.06 8.58 -18.17
C ALA A 90 6.46 7.91 -18.27
N TYR A 91 7.29 8.38 -19.19
CA TYR A 91 8.61 7.81 -19.35
C TYR A 91 9.74 8.39 -18.45
N SER A 92 9.48 9.50 -17.76
CA SER A 92 10.51 10.16 -16.95
C SER A 92 9.97 10.61 -15.60
N SER A 93 9.02 9.83 -15.07
CA SER A 93 8.58 10.04 -13.70
C SER A 93 9.68 9.66 -12.73
N THR A 94 9.57 10.21 -11.52
CA THR A 94 10.50 9.94 -10.42
C THR A 94 9.83 9.32 -9.17
N ARG A 95 8.50 9.21 -9.17
CA ARG A 95 7.74 8.50 -8.11
C ARG A 95 6.63 7.76 -8.77
N PRO A 96 6.08 6.75 -8.13
CA PRO A 96 4.91 6.17 -8.75
C PRO A 96 3.79 7.20 -8.88
N VAL A 97 3.12 7.23 -10.03
CA VAL A 97 2.00 8.11 -10.23
C VAL A 97 0.97 7.74 -9.17
N GLN A 98 0.32 8.79 -8.64
CA GLN A 98 -0.70 8.64 -7.61
C GLN A 98 -2.03 8.99 -8.24
N VAL A 99 -2.98 8.07 -8.10
CA VAL A 99 -4.28 8.21 -8.73
C VAL A 99 -5.29 8.98 -7.88
N LEU A 100 -5.89 10.02 -8.46
CA LEU A 100 -6.73 10.93 -7.68
C LEU A 100 -8.18 10.74 -7.92
N SER A 101 -8.54 9.79 -8.77
CA SER A 101 -9.94 9.59 -9.14
C SER A 101 -10.39 8.13 -9.07
N PRO A 102 -11.69 7.89 -8.95
CA PRO A 102 -12.16 6.54 -8.95
C PRO A 102 -11.91 5.91 -10.32
N GLN A 103 -11.54 4.64 -10.28
CA GLN A 103 -11.08 3.93 -11.48
C GLN A 103 -12.27 3.28 -12.24
N ILE A 104 -13.04 4.14 -12.90
CA ILE A 104 -14.23 3.72 -13.62
C ILE A 104 -14.08 4.22 -15.00
N ALA A 105 -14.62 3.46 -15.94
CA ALA A 105 -14.64 3.87 -17.34
C ALA A 105 -16.07 3.91 -17.90
N VAL A 106 -16.24 4.64 -19.01
CA VAL A 106 -17.51 4.74 -19.70
C VAL A 106 -17.41 3.86 -20.92
N VAL A 107 -18.44 3.06 -21.18
CA VAL A 107 -18.46 2.21 -22.36
C VAL A 107 -19.70 2.55 -23.19
N THR A 108 -19.52 2.70 -24.49
CA THR A 108 -20.60 3.08 -25.37
C THR A 108 -20.94 1.95 -26.36
N HIS A 109 -22.18 1.94 -26.80
CA HIS A 109 -22.67 0.85 -27.60
C HIS A 109 -21.87 0.60 -28.87
N ASP A 110 -21.19 1.62 -29.38
CA ASP A 110 -20.36 1.43 -30.57
C ASP A 110 -19.03 0.74 -30.23
N GLY A 111 -18.79 0.46 -28.96
CA GLY A 111 -17.52 -0.18 -28.54
C GLY A 111 -16.46 0.80 -28.07
N SER A 112 -16.76 2.11 -28.08
CA SER A 112 -15.88 3.15 -27.52
C SER A 112 -15.78 2.98 -26.03
N VAL A 113 -14.58 3.21 -25.49
CA VAL A 113 -14.30 3.26 -24.05
C VAL A 113 -13.63 4.57 -23.78
N MET A 114 -14.03 5.21 -22.71
CA MET A 114 -13.41 6.45 -22.29
C MET A 114 -12.97 6.30 -20.81
N PHE A 115 -11.68 6.50 -20.57
CA PHE A 115 -11.08 6.30 -19.25
C PHE A 115 -10.25 7.56 -18.94
N ILE A 116 -10.42 8.09 -17.72
CA ILE A 116 -9.94 9.46 -17.42
C ILE A 116 -9.23 9.58 -16.07
N PRO A 117 -8.05 8.95 -15.93
CA PRO A 117 -7.43 9.00 -14.62
C PRO A 117 -6.87 10.37 -14.26
N ALA A 118 -7.26 10.82 -13.07
CA ALA A 118 -6.73 12.02 -12.51
C ALA A 118 -5.48 11.56 -11.75
N GLN A 119 -4.38 12.25 -11.95
CA GLN A 119 -3.13 11.82 -11.36
C GLN A 119 -2.31 12.99 -10.84
N ARG A 120 -1.51 12.71 -9.81
CA ARG A 120 -0.34 13.52 -9.44
C ARG A 120 0.92 12.77 -9.88
N LEU A 121 1.82 13.52 -10.51
CA LEU A 121 3.02 12.97 -11.05
C LEU A 121 4.18 13.84 -10.65
N SER A 122 5.23 13.20 -10.17
CA SER A 122 6.55 13.79 -10.04
C SER A 122 7.43 13.35 -11.22
N PHE A 123 8.12 14.30 -11.84
CA PHE A 123 8.94 13.99 -12.98
C PHE A 123 10.14 14.89 -13.12
N MET A 124 11.05 14.45 -13.97
CA MET A 124 12.37 15.04 -14.09
C MET A 124 12.29 16.38 -14.80
N CYS A 125 12.71 17.44 -14.12
CA CYS A 125 12.58 18.79 -14.63
C CYS A 125 13.42 19.77 -13.81
N ASP A 126 14.26 20.53 -14.51
CA ASP A 126 15.11 21.55 -13.89
C ASP A 126 14.42 22.91 -13.95
N PRO A 127 13.93 23.41 -12.80
CA PRO A 127 13.13 24.63 -12.73
C PRO A 127 13.96 25.90 -12.62
N THR A 128 15.28 25.80 -12.86
CA THR A 128 16.12 26.98 -12.86
C THR A 128 15.53 27.98 -13.85
N GLY A 129 15.29 29.19 -13.37
CA GLY A 129 14.71 30.26 -14.19
C GLY A 129 13.21 30.41 -13.98
N VAL A 130 12.65 29.55 -13.12
CA VAL A 130 11.23 29.59 -12.85
C VAL A 130 10.85 30.92 -12.21
N ASP A 131 11.82 31.58 -11.55
CA ASP A 131 11.58 32.88 -10.89
C ASP A 131 11.91 34.09 -11.76
N SER A 132 12.00 33.90 -13.08
CA SER A 132 12.26 35.01 -14.01
C SER A 132 10.99 35.36 -14.73
N GLU A 133 10.97 36.46 -15.48
CA GLU A 133 9.78 36.87 -16.25
C GLU A 133 9.47 35.86 -17.38
N GLU A 134 10.38 34.93 -17.50
CA GLU A 134 10.60 34.22 -18.71
C GLU A 134 10.37 32.72 -18.54
N GLY A 135 10.45 32.27 -17.29
CA GLY A 135 9.95 30.97 -16.90
C GLY A 135 10.88 29.88 -17.34
N VAL A 136 10.45 28.64 -17.18
CA VAL A 136 11.23 27.51 -17.62
C VAL A 136 10.31 26.59 -18.40
N THR A 137 10.85 25.91 -19.41
CA THR A 137 10.08 24.88 -20.11
C THR A 137 10.54 23.51 -19.63
N CYS A 138 9.58 22.58 -19.51
CA CYS A 138 9.81 21.24 -19.05
C CYS A 138 8.90 20.27 -19.77
N ALA A 139 9.38 19.05 -20.00
CA ALA A 139 8.79 18.13 -20.95
C ALA A 139 8.73 16.75 -20.33
N VAL A 140 7.64 16.04 -20.62
CA VAL A 140 7.54 14.63 -20.23
C VAL A 140 6.74 13.86 -21.24
N LYS A 141 7.32 12.76 -21.70
CA LYS A 141 6.70 11.88 -22.68
C LYS A 141 5.83 10.80 -22.04
N PHE A 142 4.69 10.51 -22.69
CA PHE A 142 3.74 9.45 -22.31
C PHE A 142 3.57 8.51 -23.50
N GLY A 143 3.29 7.25 -23.21
CA GLY A 143 3.26 6.24 -24.24
C GLY A 143 3.11 4.87 -23.60
N SER A 144 2.84 3.86 -24.44
CA SER A 144 2.75 2.48 -23.98
C SER A 144 4.13 2.07 -23.48
N TRP A 145 4.18 1.23 -22.47
CA TRP A 145 5.45 0.72 -22.01
C TRP A 145 5.95 -0.43 -22.88
N VAL A 146 5.05 -1.33 -23.28
CA VAL A 146 5.53 -2.51 -24.00
C VAL A 146 4.98 -2.72 -25.42
N TYR A 147 4.06 -1.89 -25.87
CA TYR A 147 3.56 -1.97 -27.25
C TYR A 147 4.20 -0.90 -28.16
N SER A 148 4.80 -1.37 -29.26
CA SER A 148 5.34 -0.49 -30.31
C SER A 148 4.23 0.17 -31.09
N GLY A 149 4.60 1.07 -32.00
CA GLY A 149 3.63 1.73 -32.87
C GLY A 149 2.86 0.78 -33.78
N PHE A 150 3.32 -0.46 -33.92
CA PHE A 150 2.65 -1.46 -34.74
C PHE A 150 1.51 -2.14 -34.05
N GLU A 151 1.40 -1.97 -32.74
CA GLU A 151 0.28 -2.55 -31.99
C GLU A 151 -0.62 -1.46 -31.40
N ILE A 152 -0.05 -0.44 -30.77
CA ILE A 152 -0.80 0.70 -30.29
C ILE A 152 -0.30 1.93 -30.99
N ASP A 153 -1.21 2.64 -31.62
CA ASP A 153 -0.96 3.92 -32.29
C ASP A 153 -1.57 5.03 -31.45
N LEU A 154 -0.74 5.93 -30.93
CA LEU A 154 -1.22 7.09 -30.13
C LEU A 154 -1.59 8.24 -31.00
N LYS A 155 -2.51 9.06 -30.51
CA LYS A 155 -3.09 10.14 -31.28
C LYS A 155 -3.56 11.24 -30.34
N THR A 156 -3.56 12.48 -30.77
CA THR A 156 -4.20 13.51 -29.95
C THR A 156 -5.26 14.12 -30.79
N ASP A 157 -6.28 14.68 -30.15
CA ASP A 157 -7.30 15.41 -30.92
C ASP A 157 -6.87 16.83 -31.20
N THR A 158 -6.15 17.44 -30.25
CA THR A 158 -5.58 18.77 -30.42
C THR A 158 -4.21 18.77 -29.80
N ASP A 159 -3.35 19.70 -30.21
CA ASP A 159 -2.01 19.87 -29.61
C ASP A 159 -2.02 20.81 -28.42
N GLN A 160 -3.15 21.48 -28.18
CA GLN A 160 -3.31 22.35 -27.00
C GLN A 160 -3.84 21.58 -25.79
N VAL A 161 -3.03 21.58 -24.73
CA VAL A 161 -3.47 21.03 -23.47
C VAL A 161 -4.59 21.93 -22.98
N ASP A 162 -5.57 21.33 -22.30
CA ASP A 162 -6.73 22.03 -21.78
C ASP A 162 -6.39 22.75 -20.48
N LEU A 163 -6.50 24.07 -20.49
CA LEU A 163 -6.11 24.87 -19.31
C LEU A 163 -7.30 25.56 -18.68
N SER A 164 -8.50 25.15 -19.08
CA SER A 164 -9.72 25.82 -18.66
C SER A 164 -10.06 25.56 -17.20
N SER A 165 -9.40 24.58 -16.60
CA SER A 165 -9.51 24.29 -15.18
C SER A 165 -8.19 24.43 -14.42
N TYR A 166 -7.19 25.04 -15.02
CA TYR A 166 -6.01 25.33 -14.28
C TYR A 166 -6.34 26.27 -13.11
N TYR A 167 -5.82 25.91 -11.96
CA TYR A 167 -6.07 26.58 -10.71
C TYR A 167 -5.57 28.02 -10.80
N ALA A 168 -6.47 28.97 -10.70
CA ALA A 168 -6.10 30.37 -10.86
C ALA A 168 -5.08 30.86 -9.82
N SER A 169 -5.12 30.26 -8.63
CA SER A 169 -4.31 30.72 -7.49
C SER A 169 -3.20 29.70 -7.21
N SER A 170 -2.89 28.90 -8.23
CA SER A 170 -1.69 28.11 -8.16
C SER A 170 -0.52 29.01 -7.88
N LYS A 171 0.61 28.38 -7.73
CA LYS A 171 1.80 29.06 -7.29
C LYS A 171 2.67 29.37 -8.49
N TYR A 172 2.46 28.61 -9.56
CA TYR A 172 3.12 28.79 -10.83
C TYR A 172 2.07 29.10 -11.87
N GLU A 173 2.37 30.01 -12.79
CA GLU A 173 1.43 30.27 -13.88
C GLU A 173 1.91 29.60 -15.18
N ILE A 174 0.98 29.12 -16.00
CA ILE A 174 1.32 28.48 -17.28
C ILE A 174 1.40 29.50 -18.42
N LEU A 175 2.55 29.51 -19.09
CA LEU A 175 2.78 30.37 -20.25
C LEU A 175 2.40 29.65 -21.53
N SER A 176 2.59 28.34 -21.59
CA SER A 176 2.09 27.52 -22.69
C SER A 176 2.16 26.09 -22.27
N ALA A 177 1.28 25.27 -22.83
CA ALA A 177 1.20 23.82 -22.57
C ALA A 177 0.73 23.10 -23.83
N THR A 178 1.59 22.28 -24.40
CA THR A 178 1.19 21.55 -25.59
C THR A 178 1.38 20.08 -25.40
N GLN A 179 0.77 19.29 -26.29
CA GLN A 179 0.79 17.85 -26.23
C GLN A 179 0.97 17.33 -27.62
N THR A 180 2.17 16.87 -27.96
CA THR A 180 2.45 16.50 -29.34
C THR A 180 2.86 15.06 -29.57
N ARG A 181 2.10 14.40 -30.43
CA ARG A 181 2.47 13.10 -30.96
C ARG A 181 3.86 13.12 -31.61
N GLN A 182 4.69 12.18 -31.17
CA GLN A 182 6.03 12.02 -31.70
C GLN A 182 6.22 10.62 -32.22
N VAL A 183 6.98 10.48 -33.29
CA VAL A 183 7.36 9.16 -33.83
C VAL A 183 8.88 8.97 -33.74
N GLN A 184 9.29 8.17 -32.76
CA GLN A 184 10.71 7.83 -32.54
C GLN A 184 11.08 6.60 -33.39
N HIS A 185 12.37 6.26 -33.41
CA HIS A 185 12.91 5.12 -34.19
C HIS A 185 14.30 4.79 -33.66
N TYR A 186 14.49 3.64 -33.00
CA TYR A 186 15.83 3.38 -32.40
C TYR A 186 16.65 2.61 -33.44
N SER A 187 17.92 3.04 -33.62
CA SER A 187 18.78 2.64 -34.78
C SER A 187 19.09 1.13 -34.90
N CYS A 188 18.60 0.33 -33.95
CA CYS A 188 18.54 -1.15 -34.03
C CYS A 188 17.42 -1.68 -34.95
N CYS A 189 16.23 -1.22 -34.63
CA CYS A 189 15.01 -1.98 -34.84
C CYS A 189 14.15 -1.34 -35.95
N PRO A 190 13.26 -2.13 -36.58
CA PRO A 190 12.27 -1.59 -37.52
C PRO A 190 11.00 -0.95 -36.88
N GLU A 191 10.47 -1.50 -35.79
CA GLU A 191 9.16 -0.99 -35.27
C GLU A 191 9.27 0.50 -34.92
N PRO A 192 8.26 1.27 -35.29
CA PRO A 192 8.10 2.64 -34.82
C PRO A 192 7.79 2.71 -33.33
N TYR A 193 8.20 3.77 -32.67
CA TYR A 193 7.78 4.05 -31.29
C TYR A 193 7.11 5.41 -31.17
N ILE A 194 6.14 5.49 -30.29
CA ILE A 194 5.22 6.60 -30.35
C ILE A 194 4.88 7.09 -28.99
N ASP A 195 5.04 8.37 -28.78
CA ASP A 195 4.72 8.99 -27.51
C ASP A 195 3.98 10.29 -27.74
N VAL A 196 3.30 10.77 -26.71
CA VAL A 196 2.78 12.10 -26.74
C VAL A 196 3.55 12.96 -25.74
N ASN A 197 4.24 13.96 -26.25
CA ASN A 197 5.17 14.76 -25.46
C ASN A 197 4.43 15.91 -24.81
N LEU A 198 4.33 15.89 -23.50
CA LEU A 198 3.72 17.00 -22.76
C LEU A 198 4.77 18.07 -22.49
N VAL A 199 4.66 19.24 -23.11
CA VAL A 199 5.60 20.34 -22.87
C VAL A 199 4.94 21.51 -22.14
N VAL A 200 5.43 21.86 -20.95
CA VAL A 200 4.86 22.97 -20.21
C VAL A 200 5.89 24.07 -19.99
N LYS A 201 5.60 25.26 -20.47
CA LYS A 201 6.37 26.42 -20.12
C LYS A 201 5.65 27.14 -18.98
N PHE A 202 6.37 27.45 -17.90
CA PHE A 202 5.75 28.07 -16.72
C PHE A 202 6.69 28.92 -15.92
N ARG A 203 6.11 29.70 -15.02
CA ARG A 203 6.91 30.54 -14.17
C ARG A 203 6.22 30.77 -12.85
N GLU A 204 6.97 31.29 -11.92
CA GLU A 204 6.48 31.61 -10.59
C GLU A 204 5.53 32.78 -10.71
N ARG A 205 4.35 32.65 -10.14
CA ARG A 205 3.33 33.70 -10.25
C ARG A 205 3.84 35.16 -10.08
N GLN B 1 -7.71 -11.16 -32.23
CA GLN B 1 -8.03 -11.36 -30.81
C GLN B 1 -8.40 -12.83 -30.56
N ALA B 2 -9.29 -13.39 -31.39
CA ALA B 2 -9.70 -14.78 -31.25
C ALA B 2 -8.49 -15.72 -31.11
N ASN B 3 -7.49 -15.62 -31.99
CA ASN B 3 -6.32 -16.47 -31.86
C ASN B 3 -5.44 -16.22 -30.61
N LEU B 4 -5.23 -14.97 -30.24
CA LEU B 4 -4.38 -14.67 -29.10
C LEU B 4 -5.04 -15.12 -27.81
N MET B 5 -6.37 -14.97 -27.71
CA MET B 5 -7.13 -15.47 -26.55
C MET B 5 -6.91 -16.98 -26.39
N ARG B 6 -6.96 -17.68 -27.53
CA ARG B 6 -6.78 -19.10 -27.61
C ARG B 6 -5.39 -19.49 -27.18
N LEU B 7 -4.39 -18.77 -27.69
CA LEU B 7 -3.02 -18.94 -27.23
C LEU B 7 -2.86 -18.76 -25.75
N LYS B 8 -3.28 -17.62 -25.21
CA LYS B 8 -3.08 -17.31 -23.79
C LYS B 8 -3.73 -18.37 -22.94
N SER B 9 -4.92 -18.74 -23.30
CA SER B 9 -5.66 -19.78 -22.63
C SER B 9 -4.89 -21.09 -22.63
N ASP B 10 -4.36 -21.44 -23.80
CA ASP B 10 -3.60 -22.69 -23.96
C ASP B 10 -2.35 -22.69 -23.06
N LEU B 11 -1.66 -21.57 -23.04
CA LEU B 11 -0.48 -21.40 -22.23
C LEU B 11 -0.76 -21.29 -20.73
N PHE B 12 -1.83 -20.60 -20.34
CA PHE B 12 -1.98 -20.21 -18.92
C PHE B 12 -3.07 -20.92 -18.14
N ASN B 13 -4.08 -21.45 -18.81
CA ASN B 13 -5.15 -22.15 -18.13
C ASN B 13 -5.13 -23.67 -18.23
N ARG B 14 -4.27 -24.20 -19.09
CA ARG B 14 -4.19 -25.67 -19.29
C ARG B 14 -3.15 -26.36 -18.42
N SER B 15 -2.43 -25.60 -17.60
CA SER B 15 -1.36 -26.19 -16.78
C SER B 15 -0.96 -25.20 -15.70
N PRO B 16 -0.29 -25.69 -14.66
CA PRO B 16 0.10 -24.76 -13.60
C PRO B 16 1.24 -23.92 -14.06
N MET B 17 1.57 -22.94 -13.25
CA MET B 17 2.57 -21.96 -13.57
C MET B 17 3.94 -22.63 -13.45
N TYR B 18 4.94 -22.09 -14.15
CA TYR B 18 6.29 -22.56 -13.97
C TYR B 18 6.65 -22.40 -12.49
N PRO B 19 7.13 -23.49 -11.86
CA PRO B 19 7.44 -23.49 -10.42
C PRO B 19 8.75 -22.81 -10.00
N GLY B 20 9.46 -22.32 -11.01
CA GLY B 20 10.85 -21.88 -10.88
C GLY B 20 11.87 -22.96 -11.19
N PRO B 21 13.13 -22.56 -11.30
CA PRO B 21 14.21 -23.49 -11.64
C PRO B 21 14.58 -24.42 -10.53
N THR B 22 15.25 -25.50 -10.90
CA THR B 22 15.91 -26.41 -9.96
C THR B 22 17.36 -26.66 -10.38
N LYS B 23 18.11 -27.33 -9.51
CA LYS B 23 19.49 -27.68 -9.81
C LYS B 23 19.55 -28.48 -11.15
N ASP B 24 18.65 -29.42 -11.36
CA ASP B 24 18.62 -30.17 -12.62
C ASP B 24 18.06 -29.42 -13.83
N ASP B 25 17.37 -28.31 -13.61
CA ASP B 25 16.88 -27.53 -14.74
C ASP B 25 17.11 -26.06 -14.52
N PRO B 26 18.36 -25.64 -14.54
CA PRO B 26 18.61 -24.27 -14.25
C PRO B 26 18.06 -23.36 -15.30
N LEU B 27 17.98 -22.08 -14.96
CA LEU B 27 17.47 -21.06 -15.86
C LEU B 27 18.45 -19.90 -15.85
N THR B 28 18.76 -19.38 -17.02
CA THR B 28 19.67 -18.26 -17.13
C THR B 28 18.87 -17.01 -17.28
N VAL B 29 19.21 -15.99 -16.51
CA VAL B 29 18.51 -14.72 -16.63
C VAL B 29 19.49 -13.66 -17.07
N THR B 30 19.09 -12.81 -17.99
CA THR B 30 19.96 -11.75 -18.36
C THR B 30 19.45 -10.40 -17.83
N LEU B 31 20.37 -9.64 -17.23
CA LEU B 31 20.09 -8.35 -16.60
C LEU B 31 20.81 -7.21 -17.28
N GLY B 32 20.12 -6.09 -17.42
CA GLY B 32 20.75 -4.89 -17.96
C GLY B 32 20.11 -3.67 -17.34
N PHE B 33 20.88 -2.59 -17.21
CA PHE B 33 20.36 -1.38 -16.58
C PHE B 33 20.37 -0.21 -17.52
N THR B 34 19.24 0.51 -17.60
CA THR B 34 19.20 1.80 -18.29
C THR B 34 18.98 2.89 -17.26
N LEU B 35 20.02 3.68 -16.98
CA LEU B 35 19.99 4.65 -15.87
C LEU B 35 19.48 5.99 -16.36
N GLN B 36 18.40 6.43 -15.73
CA GLN B 36 17.71 7.63 -16.14
C GLN B 36 18.05 8.86 -15.34
N ASP B 37 18.21 8.71 -14.02
CA ASP B 37 18.51 9.85 -13.18
C ASP B 37 19.08 9.46 -11.85
N ILE B 38 20.05 10.22 -11.35
CA ILE B 38 20.31 10.21 -9.92
C ILE B 38 19.48 11.40 -9.44
N VAL B 39 18.41 11.11 -8.72
CA VAL B 39 17.44 12.11 -8.31
C VAL B 39 17.98 12.93 -7.14
N LYS B 40 18.52 12.24 -6.15
CA LYS B 40 18.72 12.81 -4.85
C LYS B 40 19.84 12.14 -4.10
N VAL B 41 20.46 12.92 -3.24
CA VAL B 41 21.55 12.47 -2.39
C VAL B 41 21.21 12.97 -1.00
N ASP B 42 21.42 12.16 0.02
CA ASP B 42 21.24 12.62 1.40
C ASP B 42 22.51 12.34 2.18
N SER B 43 23.28 13.38 2.41
CA SER B 43 24.57 13.26 3.03
C SER B 43 24.48 13.11 4.52
N SER B 44 23.30 13.27 5.09
CA SER B 44 23.10 13.00 6.51
C SER B 44 22.72 11.51 6.81
N THR B 45 22.24 10.76 5.81
CA THR B 45 21.94 9.34 6.02
C THR B 45 22.73 8.41 5.08
N ASN B 46 23.53 9.01 4.19
CA ASN B 46 24.26 8.28 3.17
C ASN B 46 23.29 7.37 2.41
N GLU B 47 22.27 7.99 1.86
CA GLU B 47 21.32 7.33 0.99
C GLU B 47 21.29 8.07 -0.33
N VAL B 48 21.40 7.35 -1.45
CA VAL B 48 21.25 7.92 -2.79
C VAL B 48 20.10 7.24 -3.51
N ASP B 49 19.37 8.01 -4.32
CA ASP B 49 18.15 7.58 -4.98
C ASP B 49 18.33 7.53 -6.50
N LEU B 50 18.14 6.36 -7.12
CA LEU B 50 18.27 6.14 -8.56
C LEU B 50 16.91 5.91 -9.20
N VAL B 51 16.73 6.43 -10.41
CA VAL B 51 15.63 6.03 -11.26
C VAL B 51 16.30 5.38 -12.44
N TYR B 52 15.83 4.18 -12.76
CA TYR B 52 16.31 3.43 -13.88
C TYR B 52 15.27 2.43 -14.31
N TYR B 53 15.52 1.75 -15.42
CA TYR B 53 14.73 0.58 -15.75
C TYR B 53 15.63 -0.58 -16.01
N GLU B 54 15.18 -1.75 -15.60
CA GLU B 54 16.00 -2.91 -15.47
C GLU B 54 15.48 -3.94 -16.48
N GLN B 55 16.31 -4.34 -17.44
CA GLN B 55 15.88 -5.28 -18.46
C GLN B 55 16.15 -6.73 -17.98
N GLN B 56 15.09 -7.53 -17.85
CA GLN B 56 15.19 -8.94 -17.45
C GLN B 56 14.70 -9.84 -18.57
N ARG B 57 15.45 -10.90 -18.83
CA ARG B 57 15.21 -11.78 -19.96
C ARG B 57 15.52 -13.21 -19.58
N TRP B 58 14.68 -14.11 -20.02
CA TRP B 58 14.88 -15.53 -19.85
C TRP B 58 13.97 -16.29 -20.84
N LYS B 59 14.04 -17.60 -20.80
CA LYS B 59 13.43 -18.45 -21.81
C LYS B 59 12.91 -19.72 -21.15
N LEU B 60 11.65 -20.05 -21.45
CA LEU B 60 11.03 -21.20 -20.84
C LEU B 60 10.48 -22.10 -21.89
N ASN B 61 10.80 -23.39 -21.82
CA ASN B 61 10.21 -24.31 -22.80
C ASN B 61 8.67 -24.32 -22.75
N SER B 62 8.11 -24.21 -21.55
CA SER B 62 6.66 -24.24 -21.40
C SER B 62 5.91 -23.04 -22.01
N LEU B 63 6.61 -21.92 -22.27
CA LEU B 63 5.98 -20.71 -22.88
C LEU B 63 6.13 -20.62 -24.41
N MET B 64 6.47 -21.74 -25.02
CA MET B 64 6.89 -21.85 -26.39
C MET B 64 5.67 -22.29 -27.17
N TRP B 65 5.50 -21.79 -28.40
CA TRP B 65 4.41 -22.22 -29.29
C TRP B 65 4.78 -22.07 -30.78
N ASP B 66 4.08 -22.80 -31.64
CA ASP B 66 4.24 -22.72 -33.10
C ASP B 66 3.28 -21.66 -33.71
N PRO B 67 3.81 -20.54 -34.22
CA PRO B 67 2.97 -19.49 -34.74
C PRO B 67 1.91 -19.90 -35.75
N ASN B 68 2.24 -20.87 -36.58
CA ASN B 68 1.31 -21.35 -37.61
C ASN B 68 -0.01 -21.83 -37.00
N GLU B 69 0.05 -22.31 -35.75
CA GLU B 69 -1.14 -22.83 -35.09
C GLU B 69 -1.94 -21.72 -34.46
N TYR B 70 -1.38 -20.51 -34.38
CA TYR B 70 -2.08 -19.38 -33.78
C TYR B 70 -2.05 -18.10 -34.63
N GLY B 71 -2.48 -18.24 -35.88
CA GLY B 71 -2.64 -17.11 -36.80
C GLY B 71 -1.36 -16.34 -37.04
N ASN B 72 -0.23 -17.04 -37.05
CA ASN B 72 1.05 -16.39 -37.30
C ASN B 72 1.45 -15.34 -36.25
N ILE B 73 0.94 -15.47 -35.03
CA ILE B 73 1.35 -14.60 -33.92
C ILE B 73 2.71 -15.04 -33.43
N THR B 74 3.62 -14.09 -33.38
CA THR B 74 5.01 -14.41 -33.02
C THR B 74 5.38 -13.92 -31.63
N ASP B 75 4.51 -13.12 -31.01
CA ASP B 75 4.74 -12.62 -29.67
C ASP B 75 3.50 -11.91 -29.12
N PHE B 76 3.42 -11.75 -27.81
CA PHE B 76 2.34 -11.01 -27.20
C PHE B 76 2.78 -10.39 -25.90
N ARG B 77 1.95 -9.48 -25.41
CA ARG B 77 2.21 -8.81 -24.14
C ARG B 77 1.20 -9.37 -23.19
N THR B 78 1.61 -9.52 -21.94
CA THR B 78 0.67 -9.90 -20.91
C THR B 78 1.13 -9.43 -19.54
N SER B 79 0.16 -9.35 -18.64
CA SER B 79 0.42 -8.97 -17.28
C SER B 79 1.46 -9.90 -16.60
N ALA B 80 2.41 -9.30 -15.88
CA ALA B 80 3.49 -10.03 -15.23
C ALA B 80 3.00 -10.98 -14.13
N ALA B 81 1.77 -10.79 -13.67
CA ALA B 81 1.14 -11.73 -12.73
C ALA B 81 0.74 -13.08 -13.36
N ASP B 82 0.77 -13.21 -14.69
CA ASP B 82 0.33 -14.46 -15.38
C ASP B 82 1.48 -15.43 -15.52
N ILE B 83 2.68 -14.92 -15.29
CA ILE B 83 3.89 -15.69 -15.49
C ILE B 83 4.77 -15.63 -14.28
N TRP B 84 5.56 -16.68 -14.07
CA TRP B 84 6.67 -16.62 -13.16
C TRP B 84 7.65 -15.48 -13.51
N THR B 85 8.19 -14.82 -12.48
CA THR B 85 9.27 -13.82 -12.65
C THR B 85 10.35 -14.11 -11.66
N PRO B 86 11.60 -13.79 -12.00
CA PRO B 86 12.69 -14.06 -11.07
C PRO B 86 12.75 -13.07 -9.91
N ASP B 87 13.14 -13.53 -8.74
CA ASP B 87 13.20 -12.71 -7.53
C ASP B 87 14.45 -11.87 -7.43
N ILE B 88 14.71 -11.07 -8.43
CA ILE B 88 15.92 -10.27 -8.48
C ILE B 88 15.80 -9.05 -7.56
N THR B 89 16.69 -8.92 -6.59
CA THR B 89 16.58 -7.83 -5.62
C THR B 89 17.93 -7.12 -5.43
N ALA B 90 17.85 -5.82 -5.13
CA ALA B 90 19.03 -5.06 -4.70
C ALA B 90 19.42 -5.46 -3.29
N TYR B 91 20.70 -5.61 -3.06
CA TYR B 91 21.17 -6.22 -1.83
C TYR B 91 21.47 -5.19 -0.76
N SER B 92 21.42 -3.92 -1.14
CA SER B 92 21.70 -2.87 -0.17
C SER B 92 20.78 -1.67 -0.32
N SER B 93 19.50 -1.96 -0.56
CA SER B 93 18.49 -0.92 -0.56
C SER B 93 18.23 -0.43 0.86
N THR B 94 17.64 0.74 1.00
CA THR B 94 17.25 1.21 2.32
C THR B 94 15.75 1.48 2.38
N ARG B 95 15.03 1.32 1.27
CA ARG B 95 13.59 1.39 1.24
C ARG B 95 13.07 0.41 0.22
N PRO B 96 11.82 0.02 0.35
CA PRO B 96 11.28 -0.87 -0.64
C PRO B 96 11.35 -0.20 -1.98
N VAL B 97 11.80 -0.94 -3.00
CA VAL B 97 11.81 -0.45 -4.36
C VAL B 97 10.41 0.03 -4.77
N GLN B 98 10.36 1.16 -5.45
CA GLN B 98 9.09 1.69 -5.97
C GLN B 98 9.03 1.43 -7.46
N VAL B 99 7.93 0.82 -7.91
CA VAL B 99 7.73 0.49 -9.33
C VAL B 99 7.06 1.66 -10.06
N LEU B 100 7.62 2.01 -11.22
CA LEU B 100 7.23 3.24 -11.94
C LEU B 100 6.60 2.96 -13.30
N SER B 101 6.49 1.68 -13.65
CA SER B 101 5.93 1.24 -14.94
C SER B 101 4.90 0.13 -14.77
N PRO B 102 4.05 -0.05 -15.79
CA PRO B 102 3.03 -1.06 -15.72
C PRO B 102 3.69 -2.39 -15.66
N GLN B 103 3.15 -3.28 -14.87
CA GLN B 103 3.79 -4.58 -14.74
C GLN B 103 3.31 -5.49 -15.85
N ILE B 104 3.96 -5.37 -17.00
CA ILE B 104 3.67 -6.20 -18.19
C ILE B 104 4.98 -6.71 -18.80
N ALA B 105 4.90 -7.87 -19.42
CA ALA B 105 6.03 -8.55 -20.00
C ALA B 105 5.66 -8.94 -21.42
N VAL B 106 6.68 -9.08 -22.28
CA VAL B 106 6.50 -9.61 -23.63
C VAL B 106 6.98 -11.06 -23.64
N VAL B 107 6.14 -11.93 -24.20
CA VAL B 107 6.46 -13.34 -24.37
C VAL B 107 6.56 -13.61 -25.87
N THR B 108 7.57 -14.35 -26.29
CA THR B 108 7.87 -14.61 -27.71
C THR B 108 7.75 -16.11 -27.95
N HIS B 109 7.45 -16.49 -29.19
CA HIS B 109 7.11 -17.89 -29.48
C HIS B 109 8.18 -18.91 -29.22
N ASP B 110 9.42 -18.46 -29.13
CA ASP B 110 10.51 -19.34 -28.75
C ASP B 110 10.54 -19.55 -27.24
N GLY B 111 9.62 -18.95 -26.50
CA GLY B 111 9.61 -19.07 -25.05
C GLY B 111 10.35 -17.95 -24.34
N SER B 112 10.87 -16.98 -25.08
CA SER B 112 11.55 -15.83 -24.45
C SER B 112 10.55 -14.94 -23.75
N VAL B 113 10.87 -14.56 -22.53
CA VAL B 113 10.13 -13.54 -21.85
C VAL B 113 11.07 -12.35 -21.72
N MET B 114 10.47 -11.18 -21.69
CA MET B 114 11.20 -9.99 -21.50
C MET B 114 10.36 -9.08 -20.59
N PHE B 115 10.99 -8.57 -19.56
CA PHE B 115 10.34 -7.82 -18.52
C PHE B 115 11.25 -6.61 -18.16
N ILE B 116 10.65 -5.42 -18.09
CA ILE B 116 11.44 -4.21 -17.92
C ILE B 116 10.96 -3.21 -16.84
N PRO B 117 10.96 -3.63 -15.59
CA PRO B 117 10.39 -2.75 -14.62
C PRO B 117 11.20 -1.49 -14.46
N ALA B 118 10.52 -0.36 -14.46
CA ALA B 118 11.13 0.91 -14.13
C ALA B 118 11.03 0.99 -12.62
N GLN B 119 12.08 1.46 -11.95
CA GLN B 119 12.11 1.56 -10.52
C GLN B 119 12.88 2.78 -10.01
N ARG B 120 12.41 3.36 -8.91
CA ARG B 120 13.22 4.21 -8.02
C ARG B 120 13.74 3.40 -6.84
N LEU B 121 15.02 3.51 -6.51
CA LEU B 121 15.63 2.73 -5.45
C LEU B 121 16.44 3.68 -4.60
N SER B 122 16.29 3.57 -3.27
CA SER B 122 17.21 4.25 -2.33
C SER B 122 18.14 3.21 -1.87
N PHE B 123 19.41 3.54 -1.75
CA PHE B 123 20.42 2.57 -1.40
C PHE B 123 21.66 3.21 -0.74
N MET B 124 22.47 2.35 -0.13
CA MET B 124 23.55 2.79 0.76
C MET B 124 24.68 3.37 -0.04
N CYS B 125 24.97 4.64 0.20
CA CYS B 125 25.97 5.32 -0.62
C CYS B 125 26.39 6.61 0.05
N ASP B 126 27.69 6.74 0.32
CA ASP B 126 28.28 7.93 0.92
C ASP B 126 28.64 8.91 -0.19
N PRO B 127 27.96 10.04 -0.25
CA PRO B 127 28.18 10.97 -1.31
C PRO B 127 29.18 12.06 -0.95
N THR B 128 30.00 11.82 0.08
CA THR B 128 31.10 12.75 0.41
C THR B 128 32.04 12.86 -0.81
N GLY B 129 32.30 14.09 -1.23
CA GLY B 129 33.10 14.36 -2.45
C GLY B 129 32.31 14.57 -3.74
N VAL B 130 30.98 14.41 -3.71
CA VAL B 130 30.18 14.57 -4.92
C VAL B 130 30.37 15.95 -5.47
N ASP B 131 30.56 16.90 -4.59
CA ASP B 131 30.78 18.29 -5.02
C ASP B 131 32.19 18.62 -5.56
N SER B 132 33.05 17.63 -5.80
CA SER B 132 34.37 17.90 -6.36
C SER B 132 34.39 17.61 -7.86
N GLU B 133 35.49 17.92 -8.51
CA GLU B 133 35.65 17.59 -9.95
C GLU B 133 35.63 16.07 -10.22
N GLU B 134 35.68 15.32 -9.17
CA GLU B 134 36.25 14.02 -9.21
C GLU B 134 35.17 13.01 -8.80
N GLY B 135 34.18 13.51 -8.07
CA GLY B 135 32.98 12.78 -7.83
C GLY B 135 33.13 11.74 -6.76
N VAL B 136 32.17 10.85 -6.68
CA VAL B 136 32.22 9.78 -5.72
C VAL B 136 31.73 8.50 -6.43
N THR B 137 32.21 7.33 -6.01
CA THR B 137 31.83 6.07 -6.62
C THR B 137 30.95 5.41 -5.59
N CYS B 138 29.80 4.88 -6.01
CA CYS B 138 28.89 4.07 -5.19
C CYS B 138 28.45 2.78 -5.91
N ALA B 139 28.08 1.76 -5.15
CA ALA B 139 27.90 0.42 -5.68
C ALA B 139 26.66 -0.20 -5.07
N VAL B 140 25.92 -0.97 -5.86
CA VAL B 140 24.79 -1.76 -5.36
C VAL B 140 24.75 -3.09 -6.12
N LYS B 141 24.69 -4.18 -5.38
CA LYS B 141 24.54 -5.50 -6.01
C LYS B 141 23.07 -5.92 -6.18
N PHE B 142 22.78 -6.48 -7.36
CA PHE B 142 21.52 -7.16 -7.69
C PHE B 142 21.73 -8.65 -7.94
N GLY B 143 20.75 -9.44 -7.53
CA GLY B 143 20.75 -10.91 -7.65
C GLY B 143 19.49 -11.56 -7.09
N SER B 144 19.37 -12.86 -7.29
CA SER B 144 18.23 -13.58 -6.72
C SER B 144 18.38 -13.59 -5.23
N TRP B 145 17.28 -13.50 -4.51
CA TRP B 145 17.36 -13.53 -3.07
C TRP B 145 17.51 -14.97 -2.59
N VAL B 146 16.78 -15.90 -3.17
CA VAL B 146 16.72 -17.24 -2.62
C VAL B 146 17.29 -18.33 -3.52
N TYR B 147 17.60 -18.03 -4.78
CA TYR B 147 18.20 -19.01 -5.67
C TYR B 147 19.71 -18.83 -5.88
N SER B 148 20.45 -19.91 -5.66
CA SER B 148 21.89 -19.96 -5.94
C SER B 148 22.19 -20.03 -7.46
N GLY B 149 23.47 -20.01 -7.77
CA GLY B 149 23.91 -20.04 -9.16
C GLY B 149 23.65 -21.37 -9.85
N PHE B 150 23.33 -22.39 -9.06
CA PHE B 150 22.98 -23.69 -9.58
C PHE B 150 21.53 -23.73 -10.10
N GLU B 151 20.72 -22.75 -9.72
CA GLU B 151 19.32 -22.72 -10.16
C GLU B 151 19.12 -21.54 -11.10
N ILE B 152 19.55 -20.36 -10.69
CA ILE B 152 19.48 -19.17 -11.54
C ILE B 152 20.89 -18.65 -11.82
N ASP B 153 21.30 -18.72 -13.09
CA ASP B 153 22.56 -18.15 -13.57
C ASP B 153 22.35 -16.76 -14.12
N LEU B 154 22.80 -15.72 -13.43
CA LEU B 154 22.72 -14.36 -13.98
C LEU B 154 23.81 -14.10 -15.01
N LYS B 155 23.52 -13.14 -15.89
CA LYS B 155 24.37 -12.83 -17.03
C LYS B 155 24.10 -11.39 -17.43
N THR B 156 25.06 -10.74 -18.04
CA THR B 156 24.83 -9.42 -18.63
C THR B 156 25.11 -9.57 -20.12
N ASP B 157 24.59 -8.67 -20.92
CA ASP B 157 24.94 -8.68 -22.33
C ASP B 157 26.10 -7.80 -22.58
N THR B 158 26.30 -6.81 -21.70
CA THR B 158 27.44 -5.92 -21.76
C THR B 158 27.73 -5.47 -20.37
N ASP B 159 28.93 -4.97 -20.15
CA ASP B 159 29.26 -4.45 -18.84
C ASP B 159 28.92 -2.99 -18.71
N GLN B 160 28.66 -2.32 -19.82
CA GLN B 160 28.25 -0.93 -19.78
C GLN B 160 26.79 -0.74 -19.49
N VAL B 161 26.52 0.06 -18.47
CA VAL B 161 25.17 0.53 -18.24
C VAL B 161 24.78 1.48 -19.38
N ASP B 162 23.55 1.35 -19.88
CA ASP B 162 23.00 2.23 -20.91
C ASP B 162 22.65 3.65 -20.36
N LEU B 163 23.32 4.67 -20.87
CA LEU B 163 23.12 6.03 -20.40
C LEU B 163 22.60 6.89 -21.52
N SER B 164 22.00 6.26 -22.53
CA SER B 164 21.52 6.98 -23.70
C SER B 164 20.25 7.79 -23.36
N SER B 165 19.64 7.44 -22.23
CA SER B 165 18.47 8.13 -21.73
C SER B 165 18.70 8.79 -20.37
N TYR B 166 19.95 8.97 -19.97
CA TYR B 166 20.20 9.72 -18.76
C TYR B 166 19.68 11.14 -18.94
N TYR B 167 18.93 11.60 -17.95
CA TYR B 167 18.41 12.96 -17.92
C TYR B 167 19.51 14.02 -18.08
N ALA B 168 19.54 14.70 -19.23
CA ALA B 168 20.54 15.74 -19.50
C ALA B 168 20.64 16.83 -18.45
N SER B 169 19.56 17.15 -17.76
CA SER B 169 19.56 18.29 -16.82
C SER B 169 19.49 17.81 -15.38
N SER B 170 19.77 16.53 -15.18
CA SER B 170 19.93 16.01 -13.85
C SER B 170 20.83 16.90 -13.06
N LYS B 171 20.81 16.68 -11.79
CA LYS B 171 21.51 17.50 -10.86
C LYS B 171 22.91 16.91 -10.63
N TYR B 172 23.04 15.63 -10.97
CA TYR B 172 24.30 14.91 -10.92
C TYR B 172 24.59 14.39 -12.31
N GLU B 173 25.86 14.48 -12.71
CA GLU B 173 26.30 13.95 -14.01
C GLU B 173 27.08 12.65 -13.80
N ILE B 174 26.87 11.69 -14.72
CA ILE B 174 27.51 10.38 -14.60
C ILE B 174 28.87 10.36 -15.27
N LEU B 175 29.90 10.02 -14.53
CA LEU B 175 31.25 9.86 -15.10
C LEU B 175 31.46 8.43 -15.67
N SER B 176 30.81 7.45 -15.08
CA SER B 176 30.92 6.07 -15.54
C SER B 176 29.87 5.26 -14.83
N ALA B 177 29.36 4.24 -15.50
CA ALA B 177 28.36 3.35 -14.94
C ALA B 177 28.51 1.94 -15.51
N THR B 178 28.98 1.01 -14.70
CA THR B 178 29.17 -0.35 -15.18
C THR B 178 28.30 -1.35 -14.42
N GLN B 179 28.07 -2.50 -15.05
CA GLN B 179 27.23 -3.57 -14.51
C GLN B 179 28.01 -4.86 -14.73
N THR B 180 28.53 -5.44 -13.65
CA THR B 180 29.47 -6.56 -13.72
C THR B 180 29.00 -7.82 -12.98
N ARG B 181 28.89 -8.94 -13.70
CA ARG B 181 28.62 -10.24 -13.10
C ARG B 181 29.76 -10.65 -12.16
N GLN B 182 29.38 -11.09 -10.96
CA GLN B 182 30.31 -11.51 -9.92
C GLN B 182 29.84 -12.83 -9.39
N VAL B 183 30.75 -13.75 -9.16
CA VAL B 183 30.46 -15.03 -8.55
C VAL B 183 31.16 -15.06 -7.19
N GLN B 184 30.43 -15.54 -6.19
CA GLN B 184 30.69 -15.32 -4.77
C GLN B 184 30.38 -16.65 -4.09
N HIS B 185 31.27 -17.17 -3.25
CA HIS B 185 31.00 -18.46 -2.55
C HIS B 185 30.73 -18.32 -1.03
N TYR B 186 30.42 -19.47 -0.36
CA TYR B 186 30.40 -19.64 1.14
C TYR B 186 30.65 -21.11 1.55
N SER B 187 31.26 -21.28 2.73
CA SER B 187 31.75 -22.62 3.21
C SER B 187 30.62 -23.61 3.53
N CYS B 188 29.49 -23.06 4.00
CA CYS B 188 28.24 -23.81 4.24
C CYS B 188 27.89 -24.72 3.09
N CYS B 189 28.05 -24.17 1.89
CA CYS B 189 27.31 -24.55 0.71
C CYS B 189 28.17 -24.74 -0.52
N PRO B 190 28.22 -25.97 -1.04
CA PRO B 190 28.78 -26.13 -2.39
C PRO B 190 28.38 -25.04 -3.43
N GLU B 191 27.29 -24.29 -3.22
CA GLU B 191 26.68 -23.47 -4.27
C GLU B 191 27.27 -22.08 -4.42
N PRO B 192 27.59 -21.70 -5.65
CA PRO B 192 27.99 -20.34 -5.95
C PRO B 192 26.77 -19.44 -6.02
N TYR B 193 26.95 -18.16 -5.66
CA TYR B 193 25.90 -17.16 -5.80
C TYR B 193 26.33 -16.08 -6.79
N ILE B 194 25.37 -15.58 -7.58
CA ILE B 194 25.70 -14.63 -8.63
C ILE B 194 25.00 -13.34 -8.33
N ASP B 195 25.71 -12.24 -8.49
CA ASP B 195 25.09 -10.95 -8.40
C ASP B 195 25.58 -10.20 -9.60
N VAL B 196 24.85 -9.14 -9.94
CA VAL B 196 25.32 -8.14 -10.90
C VAL B 196 25.66 -6.86 -10.12
N ASN B 197 26.93 -6.44 -10.16
CA ASN B 197 27.34 -5.25 -9.40
C ASN B 197 27.18 -3.92 -10.18
N LEU B 198 26.17 -3.11 -9.83
CA LEU B 198 26.00 -1.79 -10.45
C LEU B 198 26.91 -0.76 -9.78
N VAL B 199 27.89 -0.26 -10.52
CA VAL B 199 28.88 0.66 -9.97
C VAL B 199 28.72 1.96 -10.72
N VAL B 200 28.34 3.01 -10.00
CA VAL B 200 28.16 4.34 -10.59
C VAL B 200 29.16 5.36 -10.03
N LYS B 201 29.91 5.99 -10.91
CA LYS B 201 30.72 7.10 -10.52
C LYS B 201 30.05 8.38 -10.97
N PHE B 202 29.80 9.30 -10.05
CA PHE B 202 29.13 10.56 -10.41
C PHE B 202 29.58 11.77 -9.60
N ARG B 203 29.15 12.92 -10.07
CA ARG B 203 29.42 14.18 -9.41
C ARG B 203 28.32 15.18 -9.63
N GLU B 204 28.44 16.26 -8.89
CA GLU B 204 27.53 17.39 -9.01
C GLU B 204 27.80 18.02 -10.34
N ARG B 205 26.79 18.12 -11.17
CA ARG B 205 26.87 18.80 -12.46
C ARG B 205 28.02 19.81 -12.63
N GLN C 1 10.99 -29.57 -13.70
CA GLN C 1 9.73 -28.80 -13.53
C GLN C 1 8.56 -29.76 -13.32
N ALA C 2 8.51 -30.86 -14.08
CA ALA C 2 7.48 -31.88 -13.85
C ALA C 2 7.48 -32.37 -12.38
N ASN C 3 8.64 -32.84 -11.92
CA ASN C 3 8.76 -33.36 -10.57
C ASN C 3 8.49 -32.29 -9.53
N LEU C 4 9.08 -31.10 -9.66
CA LEU C 4 8.85 -30.05 -8.65
C LEU C 4 7.38 -29.69 -8.52
N MET C 5 6.71 -29.54 -9.67
CA MET C 5 5.29 -29.23 -9.71
C MET C 5 4.49 -30.27 -8.96
N ARG C 6 4.86 -31.51 -9.16
CA ARG C 6 4.25 -32.61 -8.45
C ARG C 6 4.47 -32.49 -6.94
N LEU C 7 5.70 -32.20 -6.54
CA LEU C 7 6.02 -32.06 -5.13
C LEU C 7 5.19 -30.93 -4.54
N LYS C 8 5.17 -29.78 -5.17
CA LYS C 8 4.51 -28.62 -4.57
C LYS C 8 3.04 -28.91 -4.40
N SER C 9 2.46 -29.46 -5.44
CA SER C 9 1.08 -29.92 -5.43
C SER C 9 0.78 -30.93 -4.33
N ASP C 10 1.66 -31.90 -4.12
CA ASP C 10 1.44 -32.89 -3.07
C ASP C 10 1.49 -32.22 -1.70
N LEU C 11 2.40 -31.27 -1.49
CA LEU C 11 2.61 -30.73 -0.17
C LEU C 11 1.57 -29.70 0.18
N PHE C 12 1.08 -28.99 -0.83
CA PHE C 12 0.30 -27.80 -0.57
C PHE C 12 -1.15 -27.94 -0.90
N ASN C 13 -1.49 -28.74 -1.91
CA ASN C 13 -2.89 -28.83 -2.35
C ASN C 13 -3.62 -30.05 -1.83
N ARG C 14 -2.90 -31.00 -1.24
CA ARG C 14 -3.54 -32.23 -0.74
C ARG C 14 -3.92 -32.18 0.74
N SER C 15 -3.63 -31.06 1.40
CA SER C 15 -3.94 -30.89 2.83
C SER C 15 -3.87 -29.42 3.20
N PRO C 16 -4.52 -29.06 4.32
CA PRO C 16 -4.46 -27.65 4.72
C PRO C 16 -3.11 -27.29 5.23
N MET C 17 -2.96 -26.00 5.47
CA MET C 17 -1.70 -25.47 5.95
C MET C 17 -1.50 -25.87 7.41
N TYR C 18 -0.24 -25.91 7.82
CA TYR C 18 0.11 -26.12 9.21
C TYR C 18 -0.56 -25.02 10.04
N PRO C 19 -1.37 -25.41 11.03
CA PRO C 19 -2.15 -24.46 11.78
C PRO C 19 -1.34 -23.72 12.82
N GLY C 20 -0.05 -24.01 12.93
CA GLY C 20 0.74 -23.38 13.96
C GLY C 20 0.83 -24.27 15.16
N PRO C 21 1.76 -23.98 16.06
CA PRO C 21 2.07 -24.81 17.20
C PRO C 21 1.05 -24.75 18.37
N THR C 22 0.93 -25.89 19.08
CA THR C 22 0.12 -26.00 20.29
C THR C 22 1.03 -26.31 21.47
N LYS C 23 0.48 -26.22 22.67
CA LYS C 23 1.22 -26.59 23.87
C LYS C 23 1.68 -28.05 23.85
N ASP C 24 0.87 -28.96 23.30
CA ASP C 24 1.26 -30.36 23.13
C ASP C 24 2.30 -30.58 21.99
N ASP C 25 2.35 -29.67 21.01
CA ASP C 25 3.27 -29.78 19.85
C ASP C 25 3.98 -28.46 19.54
N PRO C 26 4.88 -28.04 20.44
CA PRO C 26 5.55 -26.78 20.31
C PRO C 26 6.55 -26.85 19.18
N LEU C 27 6.99 -25.68 18.76
CA LEU C 27 7.89 -25.55 17.63
C LEU C 27 9.01 -24.63 18.06
N THR C 28 10.24 -24.94 17.67
CA THR C 28 11.39 -24.12 18.03
C THR C 28 11.80 -23.29 16.83
N VAL C 29 11.87 -21.96 16.97
CA VAL C 29 12.25 -21.09 15.87
C VAL C 29 13.60 -20.48 16.22
N THR C 30 14.54 -20.53 15.28
CA THR C 30 15.87 -19.99 15.53
C THR C 30 16.04 -18.72 14.73
N LEU C 31 16.46 -17.67 15.42
CA LEU C 31 16.58 -16.34 14.89
C LEU C 31 18.05 -15.92 14.84
N GLY C 32 18.43 -15.23 13.78
CA GLY C 32 19.77 -14.62 13.70
C GLY C 32 19.74 -13.32 12.92
N PHE C 33 20.43 -12.29 13.43
CA PHE C 33 20.48 -11.03 12.72
C PHE C 33 21.80 -10.78 11.98
N THR C 34 21.66 -10.25 10.75
CA THR C 34 22.76 -9.64 10.01
C THR C 34 22.45 -8.15 9.82
N LEU C 35 23.27 -7.33 10.43
CA LEU C 35 23.03 -5.90 10.50
C LEU C 35 23.78 -5.15 9.41
N GLN C 36 23.04 -4.51 8.51
CA GLN C 36 23.66 -3.86 7.36
C GLN C 36 23.96 -2.39 7.59
N ASP C 37 23.11 -1.69 8.33
CA ASP C 37 23.27 -0.26 8.44
C ASP C 37 22.39 0.31 9.53
N ILE C 38 22.98 1.24 10.28
CA ILE C 38 22.21 2.23 11.01
C ILE C 38 22.09 3.41 10.05
N VAL C 39 20.94 3.57 9.43
CA VAL C 39 20.72 4.60 8.42
C VAL C 39 20.63 6.01 9.06
N LYS C 40 19.93 6.08 10.17
CA LYS C 40 19.44 7.36 10.59
C LYS C 40 19.18 7.39 12.07
N VAL C 41 19.31 8.59 12.63
CA VAL C 41 18.99 8.81 14.00
C VAL C 41 18.18 10.10 14.08
N ASP C 42 17.20 10.17 14.95
CA ASP C 42 16.37 11.34 15.07
C ASP C 42 16.35 11.69 16.52
N SER C 43 17.09 12.72 16.91
CA SER C 43 17.23 13.03 18.34
C SER C 43 16.06 13.83 18.84
N SER C 44 15.22 14.26 17.95
CA SER C 44 14.04 15.00 18.35
C SER C 44 12.79 14.07 18.64
N THR C 45 12.85 12.83 18.16
CA THR C 45 11.83 11.85 18.49
C THR C 45 12.38 10.62 19.19
N ASN C 46 13.69 10.55 19.42
CA ASN C 46 14.30 9.31 19.89
C ASN C 46 13.83 8.09 19.12
N GLU C 47 14.00 8.11 17.80
CA GLU C 47 13.79 6.95 16.94
C GLU C 47 15.06 6.69 16.17
N VAL C 48 15.48 5.44 16.11
CA VAL C 48 16.63 5.04 15.28
C VAL C 48 16.15 4.04 14.21
N ASP C 49 16.77 4.09 13.03
CA ASP C 49 16.40 3.26 11.89
C ASP C 49 17.51 2.27 11.53
N LEU C 50 17.18 0.96 11.56
CA LEU C 50 18.12 -0.11 11.22
C LEU C 50 17.76 -0.72 9.87
N VAL C 51 18.75 -1.22 9.14
CA VAL C 51 18.50 -2.05 7.99
C VAL C 51 19.25 -3.32 8.26
N TYR C 52 18.51 -4.43 8.24
CA TYR C 52 19.11 -5.72 8.49
C TYR C 52 18.39 -6.80 7.74
N TYR C 53 18.94 -8.00 7.83
CA TYR C 53 18.18 -9.12 7.48
C TYR C 53 18.14 -10.18 8.59
N GLU C 54 16.99 -10.81 8.71
CA GLU C 54 16.68 -11.59 9.84
C GLU C 54 16.56 -13.05 9.32
N GLN C 55 17.35 -13.96 9.88
CA GLN C 55 17.29 -15.36 9.50
C GLN C 55 16.36 -16.16 10.42
N GLN C 56 15.30 -16.71 9.85
CA GLN C 56 14.31 -17.46 10.64
C GLN C 56 14.39 -18.87 10.16
N ARG C 57 14.44 -19.79 11.10
CA ARG C 57 14.52 -21.17 10.75
C ARG C 57 13.63 -22.06 11.63
N TRP C 58 13.03 -23.08 11.04
CA TRP C 58 12.22 -24.06 11.79
C TRP C 58 11.96 -25.35 10.99
N LYS C 59 11.35 -26.33 11.65
CA LYS C 59 11.21 -27.64 11.03
C LYS C 59 9.87 -28.29 11.31
N LEU C 60 9.16 -28.59 10.23
CA LEU C 60 7.85 -29.19 10.32
C LEU C 60 7.82 -30.60 9.67
N ASN C 61 7.28 -31.60 10.37
CA ASN C 61 7.11 -32.92 9.77
C ASN C 61 6.21 -32.89 8.54
N SER C 62 5.21 -32.02 8.48
CA SER C 62 4.29 -32.03 7.33
C SER C 62 4.94 -31.51 6.05
N LEU C 63 6.12 -30.89 6.15
CA LEU C 63 6.83 -30.35 4.96
C LEU C 63 7.93 -31.34 4.46
N MET C 64 7.87 -32.55 4.95
CA MET C 64 8.93 -33.51 4.77
C MET C 64 8.60 -34.44 3.59
N TRP C 65 9.62 -34.81 2.80
CA TRP C 65 9.41 -35.71 1.69
C TRP C 65 10.63 -36.55 1.33
N ASP C 66 10.41 -37.68 0.66
CA ASP C 66 11.49 -38.55 0.21
C ASP C 66 11.96 -38.08 -1.18
N PRO C 67 13.21 -37.58 -1.28
CA PRO C 67 13.72 -37.14 -2.59
C PRO C 67 13.58 -38.17 -3.71
N ASN C 68 13.79 -39.44 -3.41
CA ASN C 68 13.79 -40.48 -4.44
C ASN C 68 12.45 -40.43 -5.21
N GLU C 69 11.38 -40.04 -4.53
CA GLU C 69 10.05 -39.98 -5.15
C GLU C 69 9.77 -38.68 -5.92
N TYR C 70 10.70 -37.72 -5.90
CA TYR C 70 10.54 -36.48 -6.66
C TYR C 70 11.80 -36.06 -7.41
N GLY C 71 12.35 -36.99 -8.18
CA GLY C 71 13.48 -36.70 -9.05
C GLY C 71 14.68 -36.22 -8.26
N ASN C 72 14.91 -36.80 -7.09
CA ASN C 72 16.07 -36.44 -6.28
C ASN C 72 16.11 -34.94 -5.94
N ILE C 73 14.95 -34.29 -5.93
CA ILE C 73 14.89 -32.90 -5.45
C ILE C 73 15.07 -32.90 -3.94
N THR C 74 16.00 -32.08 -3.46
CA THR C 74 16.35 -32.09 -2.03
C THR C 74 15.85 -30.86 -1.34
N ASP C 75 15.54 -29.83 -2.12
CA ASP C 75 14.98 -28.61 -1.59
C ASP C 75 14.36 -27.78 -2.71
N PHE C 76 13.60 -26.76 -2.33
CA PHE C 76 12.96 -25.85 -3.28
C PHE C 76 12.57 -24.52 -2.68
N ARG C 77 12.32 -23.55 -3.55
CA ARG C 77 12.02 -22.21 -3.10
C ARG C 77 10.56 -22.04 -3.37
N THR C 78 9.86 -21.40 -2.46
CA THR C 78 8.46 -21.10 -2.70
C THR C 78 8.04 -19.87 -1.95
N SER C 79 7.01 -19.26 -2.48
CA SER C 79 6.45 -18.07 -1.92
C SER C 79 6.03 -18.28 -0.45
N ALA C 80 6.39 -17.33 0.41
CA ALA C 80 6.10 -17.41 1.84
C ALA C 80 4.57 -17.48 2.12
N ALA C 81 3.76 -17.00 1.18
CA ALA C 81 2.29 -17.14 1.29
C ALA C 81 1.82 -18.61 1.16
N ASP C 82 2.68 -19.53 0.71
CA ASP C 82 2.33 -20.97 0.58
C ASP C 82 2.49 -21.78 1.89
N ILE C 83 3.22 -21.19 2.85
CA ILE C 83 3.52 -21.87 4.10
C ILE C 83 3.23 -21.00 5.30
N TRP C 84 3.03 -21.66 6.43
CA TRP C 84 3.02 -20.98 7.71
C TRP C 84 4.33 -20.30 8.03
N THR C 85 4.25 -19.11 8.58
CA THR C 85 5.43 -18.43 9.10
C THR C 85 5.13 -17.97 10.53
N PRO C 86 6.17 -17.84 11.35
CA PRO C 86 5.98 -17.36 12.70
C PRO C 86 5.77 -15.85 12.75
N ASP C 87 4.90 -15.41 13.68
CA ASP C 87 4.52 -14.03 13.91
C ASP C 87 5.59 -13.27 14.72
N ILE C 88 6.84 -13.41 14.31
CA ILE C 88 7.92 -12.72 14.99
C ILE C 88 7.82 -11.24 14.69
N THR C 89 7.86 -10.44 15.75
CA THR C 89 7.76 -9.01 15.62
C THR C 89 8.68 -8.26 16.59
N ALA C 90 9.06 -7.07 16.18
CA ALA C 90 9.70 -6.11 17.07
C ALA C 90 8.63 -5.57 18.02
N TYR C 91 9.00 -5.48 19.29
CA TYR C 91 8.09 -5.12 20.35
C TYR C 91 8.11 -3.62 20.59
N SER C 92 9.17 -2.93 20.17
CA SER C 92 9.28 -1.49 20.40
C SER C 92 9.50 -0.62 19.14
N SER C 93 8.97 -1.08 18.01
CA SER C 93 9.01 -0.29 16.78
C SER C 93 8.09 0.91 16.90
N THR C 94 8.31 1.88 16.01
CA THR C 94 7.52 3.10 15.97
C THR C 94 6.87 3.31 14.58
N ARG C 95 7.25 2.54 13.57
CA ARG C 95 6.55 2.46 12.28
C ARG C 95 6.40 0.98 11.91
N PRO C 96 5.50 0.68 10.97
CA PRO C 96 5.39 -0.69 10.46
C PRO C 96 6.66 -1.05 9.80
N VAL C 97 7.29 -2.15 10.17
CA VAL C 97 8.50 -2.64 9.51
C VAL C 97 8.30 -2.65 7.98
N GLN C 98 9.31 -2.24 7.24
CA GLN C 98 9.27 -2.26 5.77
C GLN C 98 10.11 -3.41 5.26
N VAL C 99 9.55 -4.20 4.34
CA VAL C 99 10.24 -5.37 3.81
C VAL C 99 11.01 -5.05 2.53
N LEU C 100 12.27 -5.43 2.51
CA LEU C 100 13.17 -5.03 1.44
C LEU C 100 13.55 -6.17 0.50
N SER C 101 13.09 -7.37 0.82
CA SER C 101 13.40 -8.56 0.03
C SER C 101 12.17 -9.31 -0.44
N PRO C 102 12.28 -10.09 -1.50
CA PRO C 102 11.17 -10.91 -1.95
C PRO C 102 10.72 -11.91 -0.88
N GLN C 103 9.42 -12.09 -0.76
CA GLN C 103 8.92 -12.91 0.34
C GLN C 103 8.90 -14.38 -0.11
N ILE C 104 10.10 -14.96 -0.19
CA ILE C 104 10.26 -16.33 -0.62
C ILE C 104 11.04 -17.06 0.43
N ALA C 105 10.73 -18.35 0.59
CA ALA C 105 11.39 -19.23 1.55
C ALA C 105 11.94 -20.48 0.91
N VAL C 106 12.83 -21.14 1.63
CA VAL C 106 13.46 -22.34 1.14
C VAL C 106 13.04 -23.47 2.00
N VAL C 107 12.57 -24.53 1.37
CA VAL C 107 12.07 -25.70 2.09
C VAL C 107 12.94 -26.90 1.75
N THR C 108 13.28 -27.66 2.77
CA THR C 108 14.20 -28.77 2.62
C THR C 108 13.48 -30.11 2.91
N HIS C 109 13.99 -31.20 2.34
CA HIS C 109 13.25 -32.48 2.36
C HIS C 109 13.06 -33.05 3.72
N ASP C 110 13.84 -32.57 4.70
CA ASP C 110 13.68 -33.00 6.08
C ASP C 110 12.62 -32.17 6.80
N GLY C 111 11.99 -31.24 6.08
CA GLY C 111 10.97 -30.37 6.66
C GLY C 111 11.47 -29.01 7.12
N SER C 112 12.77 -28.78 7.05
CA SER C 112 13.33 -27.49 7.42
C SER C 112 12.84 -26.42 6.49
N VAL C 113 12.55 -25.28 7.07
CA VAL C 113 12.18 -24.12 6.32
C VAL C 113 13.14 -23.04 6.73
N MET C 114 13.53 -22.21 5.77
CA MET C 114 14.38 -21.09 6.07
C MET C 114 13.83 -19.86 5.37
N PHE C 115 13.68 -18.78 6.14
CA PHE C 115 13.04 -17.53 5.67
C PHE C 115 13.86 -16.34 6.19
N ILE C 116 14.19 -15.41 5.31
CA ILE C 116 15.20 -14.36 5.61
C ILE C 116 14.77 -12.98 5.17
N PRO C 117 13.77 -12.41 5.81
CA PRO C 117 13.38 -11.09 5.36
C PRO C 117 14.40 -10.05 5.71
N ALA C 118 14.71 -9.21 4.71
CA ALA C 118 15.46 -7.97 4.89
C ALA C 118 14.45 -6.88 5.23
N GLN C 119 14.74 -6.06 6.22
CA GLN C 119 13.80 -5.10 6.74
C GLN C 119 14.46 -3.79 7.12
N ARG C 120 13.70 -2.71 7.02
CA ARG C 120 14.07 -1.43 7.67
C ARG C 120 13.11 -1.22 8.81
N LEU C 121 13.64 -0.90 9.98
CA LEU C 121 12.82 -0.73 11.19
C LEU C 121 13.14 0.60 11.83
N SER C 122 12.12 1.30 12.28
CA SER C 122 12.28 2.41 13.14
C SER C 122 11.89 1.92 14.52
N PHE C 123 12.63 2.33 15.53
CA PHE C 123 12.38 1.86 16.89
C PHE C 123 12.93 2.78 17.96
N MET C 124 12.46 2.55 19.18
CA MET C 124 12.62 3.47 20.27
C MET C 124 14.04 3.43 20.78
N CYS C 125 14.72 4.57 20.73
CA CYS C 125 16.10 4.64 21.07
C CYS C 125 16.56 6.11 21.23
N ASP C 126 17.14 6.43 22.38
CA ASP C 126 17.61 7.79 22.65
C ASP C 126 19.07 7.84 22.25
N PRO C 127 19.38 8.54 21.15
CA PRO C 127 20.72 8.57 20.61
C PRO C 127 21.53 9.71 21.19
N THR C 128 21.18 10.18 22.38
CA THR C 128 22.00 11.19 23.03
C THR C 128 23.30 10.52 23.43
N GLY C 129 24.42 11.19 23.13
CA GLY C 129 25.77 10.68 23.33
C GLY C 129 26.35 9.96 22.12
N VAL C 130 25.58 9.88 21.03
CA VAL C 130 26.05 9.23 19.79
C VAL C 130 27.30 9.92 19.21
N ASP C 131 27.45 11.20 19.49
CA ASP C 131 28.60 11.97 19.04
C ASP C 131 29.80 11.94 19.97
N SER C 132 29.81 11.08 20.97
CA SER C 132 30.97 10.98 21.87
C SER C 132 31.86 9.81 21.50
N GLU C 133 33.08 9.75 22.08
CA GLU C 133 34.00 8.65 21.77
C GLU C 133 33.41 7.30 22.25
N GLU C 134 32.24 7.38 22.83
CA GLU C 134 31.84 6.39 23.77
C GLU C 134 30.46 5.82 23.47
N GLY C 135 29.70 6.60 22.70
CA GLY C 135 28.59 6.09 21.92
C GLY C 135 27.37 5.93 22.75
N VAL C 136 26.36 5.30 22.18
CA VAL C 136 25.12 5.09 22.87
C VAL C 136 24.75 3.65 22.69
N THR C 137 24.01 3.11 23.65
CA THR C 137 23.47 1.74 23.51
C THR C 137 21.97 1.75 23.32
N CYS C 138 21.49 0.97 22.36
CA CYS C 138 20.07 0.78 22.13
C CYS C 138 19.65 -0.68 21.95
N ALA C 139 18.41 -0.94 22.33
CA ALA C 139 17.95 -2.30 22.49
C ALA C 139 16.60 -2.44 21.87
N VAL C 140 16.36 -3.56 21.23
CA VAL C 140 15.00 -3.87 20.75
C VAL C 140 14.72 -5.37 20.88
N LYS C 141 13.55 -5.69 21.44
CA LYS C 141 13.16 -7.09 21.60
C LYS C 141 12.33 -7.58 20.43
N PHE C 142 12.71 -8.78 19.94
CA PHE C 142 11.94 -9.54 18.93
C PHE C 142 11.39 -10.81 19.51
N GLY C 143 10.15 -11.15 19.18
CA GLY C 143 9.52 -12.39 19.67
C GLY C 143 8.19 -12.59 18.98
N SER C 144 7.51 -13.68 19.32
CA SER C 144 6.15 -13.91 18.85
C SER C 144 5.23 -12.90 19.49
N TRP C 145 4.20 -12.51 18.76
CA TRP C 145 3.24 -11.57 19.28
C TRP C 145 2.21 -12.29 20.12
N VAL C 146 1.83 -13.50 19.73
CA VAL C 146 0.68 -14.14 20.37
C VAL C 146 0.95 -15.50 20.94
N TYR C 147 2.05 -16.14 20.56
CA TYR C 147 2.43 -17.45 21.11
C TYR C 147 3.44 -17.32 22.27
N SER C 148 3.10 -17.95 23.38
CA SER C 148 4.02 -18.07 24.52
C SER C 148 5.10 -19.12 24.30
N GLY C 149 5.95 -19.26 25.32
CA GLY C 149 7.09 -20.20 25.28
C GLY C 149 6.66 -21.65 25.37
N PHE C 150 5.41 -21.87 25.67
CA PHE C 150 4.89 -23.20 25.62
C PHE C 150 4.52 -23.56 24.21
N GLU C 151 4.35 -22.59 23.32
CA GLU C 151 4.03 -22.92 21.93
C GLU C 151 5.21 -22.66 20.99
N ILE C 152 5.81 -21.48 21.07
CA ILE C 152 6.99 -21.19 20.27
C ILE C 152 8.20 -20.92 21.17
N ASP C 153 9.25 -21.66 20.94
CA ASP C 153 10.48 -21.54 21.71
C ASP C 153 11.50 -20.82 20.84
N LEU C 154 11.93 -19.62 21.22
CA LEU C 154 12.88 -18.92 20.39
C LEU C 154 14.27 -19.31 20.75
N LYS C 155 15.18 -19.26 19.78
CA LYS C 155 16.56 -19.69 20.03
C LYS C 155 17.45 -18.84 19.15
N THR C 156 18.71 -18.63 19.58
CA THR C 156 19.75 -18.08 18.69
C THR C 156 20.88 -19.08 18.61
N ASP C 157 21.56 -19.11 17.46
CA ASP C 157 22.72 -20.02 17.28
C ASP C 157 23.94 -19.45 17.95
N THR C 158 23.99 -18.14 17.97
CA THR C 158 25.09 -17.44 18.58
C THR C 158 24.55 -16.14 19.09
N ASP C 159 25.19 -15.61 20.10
CA ASP C 159 24.78 -14.30 20.59
C ASP C 159 25.41 -13.15 19.83
N GLN C 160 26.36 -13.40 18.93
CA GLN C 160 26.95 -12.33 18.14
C GLN C 160 26.10 -12.01 16.91
N VAL C 161 25.66 -10.77 16.81
CA VAL C 161 25.12 -10.32 15.57
C VAL C 161 26.23 -10.40 14.53
N ASP C 162 25.86 -10.89 13.35
CA ASP C 162 26.72 -10.87 12.14
C ASP C 162 26.93 -9.43 11.60
N LEU C 163 28.18 -8.98 11.60
CA LEU C 163 28.53 -7.64 11.16
C LEU C 163 29.40 -7.66 9.90
N SER C 164 29.52 -8.84 9.28
CA SER C 164 30.39 -9.04 8.12
C SER C 164 29.91 -8.28 6.86
N SER C 165 28.66 -7.80 6.89
CA SER C 165 28.06 -6.99 5.82
C SER C 165 27.62 -5.64 6.29
N TYR C 166 28.08 -5.20 7.45
CA TYR C 166 27.78 -3.85 7.84
C TYR C 166 28.43 -2.90 6.85
N TYR C 167 27.68 -1.88 6.43
CA TYR C 167 28.08 -0.88 5.48
C TYR C 167 29.27 -0.07 5.97
N ALA C 168 30.39 -0.26 5.30
CA ALA C 168 31.68 0.34 5.70
C ALA C 168 31.67 1.86 5.80
N SER C 169 30.85 2.50 4.97
CA SER C 169 30.80 3.95 4.86
C SER C 169 29.52 4.47 5.48
N SER C 170 28.88 3.64 6.31
CA SER C 170 27.78 4.10 7.16
C SER C 170 28.16 5.33 7.92
N LYS C 171 27.15 5.89 8.50
CA LYS C 171 27.29 7.17 9.14
C LYS C 171 27.59 6.93 10.63
N TYR C 172 27.22 5.73 11.08
CA TYR C 172 27.47 5.27 12.44
C TYR C 172 28.30 3.98 12.40
N GLU C 173 29.22 3.84 13.35
CA GLU C 173 30.10 2.68 13.38
C GLU C 173 29.73 1.84 14.62
N ILE C 174 29.71 0.53 14.45
CA ILE C 174 29.23 -0.38 15.49
C ILE C 174 30.36 -0.75 16.46
N LEU C 175 30.12 -0.57 17.75
CA LEU C 175 31.12 -0.95 18.73
C LEU C 175 30.83 -2.35 19.22
N SER C 176 29.55 -2.72 19.22
CA SER C 176 29.17 -4.05 19.57
C SER C 176 27.71 -4.20 19.23
N ALA C 177 27.33 -5.43 18.92
CA ALA C 177 25.96 -5.77 18.57
C ALA C 177 25.75 -7.21 19.01
N THR C 178 24.82 -7.46 19.93
CA THR C 178 24.52 -8.82 20.37
C THR C 178 23.02 -9.15 20.25
N GLN C 179 22.73 -10.44 20.34
CA GLN C 179 21.38 -10.98 20.19
C GLN C 179 21.16 -12.09 21.21
N THR C 180 20.46 -11.77 22.29
CA THR C 180 20.32 -12.70 23.42
C THR C 180 18.89 -13.18 23.70
N ARG C 181 18.69 -14.50 23.74
CA ARG C 181 17.43 -15.06 24.18
C ARG C 181 17.13 -14.67 25.63
N GLN C 182 15.88 -14.30 25.90
CA GLN C 182 15.42 -13.89 27.22
C GLN C 182 14.08 -14.56 27.52
N VAL C 183 13.84 -14.85 28.81
CA VAL C 183 12.59 -15.49 29.27
C VAL C 183 11.91 -14.57 30.28
N GLN C 184 10.79 -13.97 29.86
CA GLN C 184 10.01 -13.07 30.71
C GLN C 184 8.97 -13.84 31.58
N HIS C 185 8.41 -13.15 32.58
CA HIS C 185 7.17 -13.56 33.28
C HIS C 185 6.26 -12.33 33.63
N TYR C 186 5.12 -12.59 34.28
CA TYR C 186 4.17 -11.53 34.76
C TYR C 186 3.28 -12.25 35.80
N SER C 187 2.78 -11.49 36.78
CA SER C 187 1.93 -12.06 37.84
C SER C 187 0.74 -12.90 37.28
N CYS C 188 0.06 -12.34 36.27
CA CYS C 188 -1.21 -12.88 35.69
C CYS C 188 -1.17 -14.35 35.23
N CYS C 189 0.02 -14.81 34.88
CA CYS C 189 0.21 -15.81 33.85
C CYS C 189 1.32 -16.76 34.29
N PRO C 190 1.06 -18.09 34.34
CA PRO C 190 2.22 -19.00 34.55
C PRO C 190 3.07 -19.19 33.29
N GLU C 191 2.65 -18.65 32.16
CA GLU C 191 3.24 -19.09 30.90
C GLU C 191 4.35 -18.15 30.43
N PRO C 192 5.60 -18.64 30.36
CA PRO C 192 6.74 -17.82 29.98
C PRO C 192 6.60 -17.20 28.62
N TYR C 193 7.21 -16.04 28.44
CA TYR C 193 7.32 -15.41 27.10
C TYR C 193 8.78 -15.29 26.65
N ILE C 194 9.03 -15.41 25.35
CA ILE C 194 10.39 -15.45 24.93
C ILE C 194 10.70 -14.45 23.88
N ASP C 195 11.78 -13.73 24.09
CA ASP C 195 12.26 -12.82 23.09
C ASP C 195 13.74 -13.01 22.77
N VAL C 196 14.15 -12.41 21.69
CA VAL C 196 15.53 -12.24 21.40
C VAL C 196 15.82 -10.75 21.46
N ASN C 197 16.68 -10.35 22.38
CA ASN C 197 17.00 -8.95 22.63
C ASN C 197 18.20 -8.48 21.81
N LEU C 198 17.95 -7.66 20.79
CA LEU C 198 19.00 -7.11 19.94
C LEU C 198 19.56 -5.86 20.59
N VAL C 199 20.82 -5.90 21.00
CA VAL C 199 21.46 -4.75 21.64
C VAL C 199 22.57 -4.25 20.72
N VAL C 200 22.58 -2.96 20.43
CA VAL C 200 23.59 -2.41 19.55
C VAL C 200 24.20 -1.21 20.20
N LYS C 201 25.52 -1.24 20.34
CA LYS C 201 26.24 -0.11 20.83
C LYS C 201 27.00 0.50 19.65
N PHE C 202 26.78 1.80 19.46
CA PHE C 202 27.32 2.49 18.31
C PHE C 202 27.67 3.93 18.56
N ARG C 203 28.44 4.50 17.63
CA ARG C 203 28.70 5.94 17.66
C ARG C 203 28.78 6.58 16.28
N GLU C 204 28.90 7.88 16.26
CA GLU C 204 29.17 8.61 15.04
C GLU C 204 30.56 8.24 14.56
N ARG C 205 30.66 7.78 13.32
CA ARG C 205 31.93 7.47 12.64
C ARG C 205 33.17 8.38 12.98
N ARG C 206 34.31 7.76 13.23
CA ARG C 206 35.56 8.47 13.56
C ARG C 206 36.82 8.05 12.80
N ALA C 207 36.72 6.98 12.03
CA ALA C 207 37.85 6.46 11.22
C ALA C 207 37.28 5.63 10.04
N GLY C 208 37.98 5.64 8.91
CA GLY C 208 37.47 5.03 7.65
C GLY C 208 36.95 3.59 7.74
N ASN C 209 37.57 2.80 8.63
CA ASN C 209 37.32 1.35 8.74
C ASN C 209 36.65 0.90 10.06
N GLY C 210 36.05 1.85 10.78
CA GLY C 210 35.19 1.52 11.95
C GLY C 210 35.85 1.59 13.32
N PHE C 211 35.20 0.94 14.31
CA PHE C 211 35.81 0.79 15.65
C PHE C 211 36.84 -0.34 15.70
N PHE C 212 36.40 -1.60 15.51
CA PHE C 212 37.30 -2.74 15.75
C PHE C 212 38.12 -3.11 14.52
N ARG C 213 39.43 -3.33 14.74
CA ARG C 213 40.30 -4.11 13.84
C ARG C 213 39.64 -5.44 13.47
N ASN C 214 39.78 -5.79 12.21
CA ASN C 214 39.44 -7.09 11.76
C ASN C 214 40.24 -7.41 10.50
N LEU C 215 40.65 -8.68 10.40
CA LEU C 215 41.67 -9.08 9.43
C LEU C 215 41.02 -9.13 8.07
N PHE C 216 39.90 -9.83 8.01
CA PHE C 216 39.31 -10.17 6.71
C PHE C 216 38.47 -9.00 6.20
N ASP C 217 38.62 -8.80 4.88
CA ASP C 217 37.91 -7.74 4.09
C ASP C 217 36.42 -7.96 4.05
N GLN D 1 -1.18 -31.08 15.80
CA GLN D 1 -1.54 -30.47 14.51
C GLN D 1 -2.81 -31.11 13.89
N ALA D 2 -2.83 -32.44 13.74
CA ALA D 2 -4.04 -33.16 13.28
C ALA D 2 -5.32 -32.56 13.88
N ASN D 3 -5.39 -32.53 15.22
CA ASN D 3 -6.57 -32.07 15.94
C ASN D 3 -6.83 -30.58 15.78
N LEU D 4 -5.80 -29.75 15.70
CA LEU D 4 -6.05 -28.33 15.54
C LEU D 4 -6.50 -28.02 14.13
N MET D 5 -6.04 -28.81 13.15
CA MET D 5 -6.49 -28.65 11.76
C MET D 5 -7.96 -28.99 11.61
N ARG D 6 -8.33 -30.04 12.27
CA ARG D 6 -9.68 -30.48 12.30
C ARG D 6 -10.55 -29.37 12.91
N LEU D 7 -10.14 -28.84 14.05
CA LEU D 7 -10.86 -27.73 14.70
C LEU D 7 -10.98 -26.45 13.86
N LYS D 8 -9.91 -26.05 13.20
CA LYS D 8 -9.98 -24.83 12.42
C LYS D 8 -10.94 -25.02 11.26
N SER D 9 -10.81 -26.16 10.60
CA SER D 9 -11.71 -26.56 9.54
C SER D 9 -13.19 -26.60 10.00
N ASP D 10 -13.47 -27.26 11.13
CA ASP D 10 -14.83 -27.28 11.65
C ASP D 10 -15.40 -25.87 11.96
N LEU D 11 -14.56 -25.02 12.54
CA LEU D 11 -15.03 -23.68 12.92
C LEU D 11 -15.15 -22.71 11.75
N PHE D 12 -14.32 -22.90 10.74
CA PHE D 12 -14.16 -21.90 9.66
C PHE D 12 -14.57 -22.33 8.27
N ASN D 13 -14.50 -23.62 7.93
CA ASN D 13 -14.96 -24.06 6.61
C ASN D 13 -16.37 -24.62 6.58
N ARG D 14 -16.98 -24.96 7.71
CA ARG D 14 -18.33 -25.59 7.71
C ARG D 14 -19.52 -24.62 7.70
N SER D 15 -19.24 -23.33 7.88
CA SER D 15 -20.29 -22.34 8.00
C SER D 15 -19.70 -20.98 7.73
N PRO D 16 -20.58 -19.99 7.50
CA PRO D 16 -20.05 -18.69 7.14
C PRO D 16 -19.55 -17.96 8.36
N MET D 17 -18.98 -16.80 8.09
CA MET D 17 -18.38 -16.01 9.10
C MET D 17 -19.52 -15.34 9.89
N TYR D 18 -19.26 -15.02 11.13
CA TYR D 18 -20.19 -14.30 11.94
C TYR D 18 -20.51 -12.97 11.24
N PRO D 19 -21.79 -12.71 11.02
CA PRO D 19 -22.18 -11.52 10.28
C PRO D 19 -22.12 -10.20 11.05
N GLY D 20 -21.81 -10.25 12.33
CA GLY D 20 -21.79 -9.05 13.14
C GLY D 20 -23.03 -9.03 13.99
N PRO D 21 -23.02 -8.26 15.06
CA PRO D 21 -24.13 -8.20 16.00
C PRO D 21 -25.39 -7.48 15.45
N THR D 22 -26.51 -7.65 16.12
CA THR D 22 -27.75 -6.97 15.80
C THR D 22 -28.37 -6.55 17.09
N LYS D 23 -29.39 -5.72 17.00
CA LYS D 23 -30.09 -5.25 18.17
C LYS D 23 -30.54 -6.45 19.04
N ASP D 24 -31.21 -7.44 18.44
CA ASP D 24 -31.64 -8.64 19.14
C ASP D 24 -30.51 -9.50 19.68
N ASP D 25 -29.32 -9.37 19.12
CA ASP D 25 -28.20 -10.17 19.58
C ASP D 25 -26.95 -9.33 19.67
N PRO D 26 -26.90 -8.44 20.67
CA PRO D 26 -25.81 -7.52 20.82
C PRO D 26 -24.57 -8.19 21.34
N LEU D 27 -23.44 -7.53 21.19
CA LEU D 27 -22.18 -8.11 21.54
C LEU D 27 -21.42 -7.09 22.36
N THR D 28 -20.75 -7.57 23.40
CA THR D 28 -20.02 -6.67 24.27
C THR D 28 -18.53 -6.79 23.95
N VAL D 29 -17.91 -5.67 23.60
CA VAL D 29 -16.47 -5.62 23.36
C VAL D 29 -15.76 -4.83 24.46
N THR D 30 -14.69 -5.41 25.02
CA THR D 30 -13.93 -4.81 26.08
C THR D 30 -12.69 -4.33 25.44
N LEU D 31 -12.33 -3.11 25.80
CA LEU D 31 -11.19 -2.39 25.25
C LEU D 31 -10.28 -1.99 26.38
N GLY D 32 -8.96 -2.05 26.14
CA GLY D 32 -8.00 -1.48 27.09
C GLY D 32 -6.72 -1.10 26.38
N PHE D 33 -6.02 -0.11 26.89
CA PHE D 33 -4.87 0.39 26.21
C PHE D 33 -3.63 0.18 27.03
N THR D 34 -2.56 -0.17 26.34
CA THR D 34 -1.22 -0.16 26.94
C THR D 34 -0.33 0.81 26.16
N LEU D 35 0.03 1.90 26.80
CA LEU D 35 0.66 3.02 26.11
C LEU D 35 2.17 2.82 26.18
N GLN D 36 2.83 2.77 25.03
CA GLN D 36 4.28 2.58 24.90
C GLN D 36 5.08 3.85 24.76
N ASP D 37 4.59 4.77 23.96
CA ASP D 37 5.34 5.99 23.64
C ASP D 37 4.47 7.11 23.08
N ILE D 38 4.71 8.32 23.59
CA ILE D 38 4.40 9.52 22.85
C ILE D 38 5.67 9.75 22.04
N VAL D 39 5.59 9.45 20.76
CA VAL D 39 6.74 9.53 19.87
C VAL D 39 7.09 10.94 19.46
N LYS D 40 6.10 11.79 19.28
CA LYS D 40 6.32 13.04 18.54
C LYS D 40 5.14 13.98 18.69
N VAL D 41 5.45 15.25 18.73
CA VAL D 41 4.47 16.31 18.86
C VAL D 41 4.74 17.23 17.68
N ASP D 42 3.70 17.80 17.09
CA ASP D 42 3.84 18.80 16.01
C ASP D 42 3.01 20.01 16.36
N SER D 43 3.68 21.03 16.83
CA SER D 43 3.00 22.23 17.30
C SER D 43 2.53 23.13 16.18
N SER D 44 2.95 22.84 14.96
CA SER D 44 2.59 23.65 13.80
C SER D 44 1.28 23.14 13.19
N THR D 45 0.94 21.86 13.45
CA THR D 45 -0.31 21.25 12.98
C THR D 45 -1.22 20.75 14.11
N ASN D 46 -0.74 20.79 15.35
CA ASN D 46 -1.50 20.26 16.51
C ASN D 46 -1.89 18.81 16.28
N GLU D 47 -0.87 18.02 15.98
CA GLU D 47 -0.98 16.58 15.83
C GLU D 47 0.02 15.93 16.82
N VAL D 48 -0.44 14.92 17.53
CA VAL D 48 0.46 14.06 18.32
C VAL D 48 0.39 12.60 17.86
N ASP D 49 1.52 11.93 18.02
CA ASP D 49 1.72 10.57 17.55
C ASP D 49 1.99 9.61 18.73
N LEU D 50 1.06 8.67 18.91
CA LEU D 50 1.17 7.70 19.96
C LEU D 50 1.54 6.38 19.38
N VAL D 51 2.33 5.62 20.13
CA VAL D 51 2.46 4.18 19.91
C VAL D 51 1.88 3.46 21.13
N TYR D 52 0.95 2.55 20.87
CA TYR D 52 0.29 1.78 21.93
C TYR D 52 -0.16 0.42 21.42
N TYR D 53 -0.74 -0.34 22.30
CA TYR D 53 -1.37 -1.53 21.85
C TYR D 53 -2.69 -1.66 22.57
N GLU D 54 -3.66 -2.19 21.85
CA GLU D 54 -5.04 -2.09 22.20
C GLU D 54 -5.64 -3.50 22.36
N GLN D 55 -5.99 -3.86 23.59
CA GLN D 55 -6.50 -5.17 23.88
C GLN D 55 -7.97 -5.16 23.58
N GLN D 56 -8.41 -6.05 22.70
CA GLN D 56 -9.82 -6.18 22.33
C GLN D 56 -10.29 -7.58 22.64
N ARG D 57 -11.46 -7.68 23.25
CA ARG D 57 -11.98 -8.96 23.68
C ARG D 57 -13.50 -9.06 23.51
N TRP D 58 -13.97 -10.21 23.02
CA TRP D 58 -15.40 -10.47 22.88
C TRP D 58 -15.58 -11.96 22.82
N LYS D 59 -16.83 -12.40 22.82
CA LYS D 59 -17.20 -13.79 22.95
C LYS D 59 -18.39 -14.12 22.04
N LEU D 60 -18.27 -15.22 21.31
CA LEU D 60 -19.27 -15.61 20.29
C LEU D 60 -19.60 -17.05 20.47
N ASN D 61 -20.88 -17.39 20.54
CA ASN D 61 -21.29 -18.79 20.67
C ASN D 61 -20.78 -19.68 19.53
N SER D 62 -20.72 -19.14 18.33
CA SER D 62 -20.23 -19.90 17.17
C SER D 62 -18.75 -20.32 17.14
N LEU D 63 -17.91 -19.74 17.99
CA LEU D 63 -16.47 -20.08 18.03
C LEU D 63 -16.17 -21.03 19.19
N MET D 64 -17.19 -21.69 19.66
CA MET D 64 -17.15 -22.40 20.91
C MET D 64 -17.02 -23.85 20.53
N TRP D 65 -16.26 -24.61 21.31
CA TRP D 65 -16.07 -26.05 21.13
C TRP D 65 -15.77 -26.77 22.43
N ASP D 66 -15.91 -28.09 22.41
CA ASP D 66 -15.60 -28.90 23.55
C ASP D 66 -14.21 -29.50 23.39
N PRO D 67 -13.24 -29.11 24.25
CA PRO D 67 -11.86 -29.59 24.17
C PRO D 67 -11.68 -31.10 24.13
N ASN D 68 -12.59 -31.84 24.72
CA ASN D 68 -12.49 -33.29 24.73
C ASN D 68 -12.62 -33.89 23.33
N GLU D 69 -13.32 -33.21 22.44
CA GLU D 69 -13.44 -33.68 21.06
C GLU D 69 -12.28 -33.28 20.13
N TYR D 70 -11.40 -32.37 20.60
CA TYR D 70 -10.22 -31.94 19.82
C TYR D 70 -8.89 -32.01 20.62
N GLY D 71 -8.59 -33.20 21.13
CA GLY D 71 -7.31 -33.50 21.80
C GLY D 71 -7.01 -32.62 23.00
N ASN D 72 -8.06 -32.23 23.71
CA ASN D 72 -7.91 -31.38 24.90
C ASN D 72 -7.38 -29.95 24.60
N ILE D 73 -7.47 -29.53 23.34
CA ILE D 73 -7.10 -28.16 22.97
C ILE D 73 -8.07 -27.14 23.58
N THR D 74 -7.55 -26.13 24.23
CA THR D 74 -8.38 -25.20 24.99
C THR D 74 -8.39 -23.77 24.34
N ASP D 75 -7.40 -23.52 23.48
CA ASP D 75 -7.33 -22.29 22.71
C ASP D 75 -6.34 -22.41 21.58
N PHE D 76 -6.38 -21.44 20.65
CA PHE D 76 -5.49 -21.46 19.48
C PHE D 76 -5.32 -20.07 18.91
N ARG D 77 -4.27 -19.90 18.12
CA ARG D 77 -4.03 -18.65 17.45
C ARG D 77 -4.42 -18.83 15.99
N THR D 78 -4.93 -17.78 15.39
CA THR D 78 -5.25 -17.76 13.98
C THR D 78 -5.33 -16.34 13.48
N SER D 79 -5.01 -16.22 12.21
CA SER D 79 -5.03 -14.97 11.51
C SER D 79 -6.35 -14.23 11.68
N ALA D 80 -6.27 -12.95 11.98
CA ALA D 80 -7.45 -12.10 12.18
C ALA D 80 -8.40 -12.07 10.96
N ALA D 81 -7.90 -12.47 9.79
CA ALA D 81 -8.69 -12.51 8.57
C ALA D 81 -9.65 -13.68 8.55
N ASP D 82 -9.42 -14.70 9.40
CA ASP D 82 -10.32 -15.88 9.49
C ASP D 82 -11.60 -15.65 10.33
N ILE D 83 -11.62 -14.57 11.13
CA ILE D 83 -12.71 -14.35 12.05
C ILE D 83 -13.20 -12.98 11.87
N TRP D 84 -14.43 -12.71 12.31
CA TRP D 84 -14.94 -11.33 12.45
C TRP D 84 -14.19 -10.54 13.53
N THR D 85 -13.92 -9.28 13.22
CA THR D 85 -13.42 -8.31 14.19
C THR D 85 -14.34 -7.09 14.28
N PRO D 86 -14.40 -6.45 15.45
CA PRO D 86 -15.18 -5.19 15.54
C PRO D 86 -14.50 -4.01 14.84
N ASP D 87 -15.33 -3.07 14.35
CA ASP D 87 -14.87 -1.93 13.58
C ASP D 87 -14.50 -0.75 14.48
N ILE D 88 -13.58 -1.00 15.39
CA ILE D 88 -13.27 -0.02 16.43
C ILE D 88 -12.28 0.92 15.84
N THR D 89 -12.52 2.20 16.01
CA THR D 89 -11.70 3.17 15.34
C THR D 89 -11.54 4.42 16.18
N ALA D 90 -10.46 5.15 15.93
CA ALA D 90 -10.24 6.45 16.59
C ALA D 90 -11.11 7.46 15.86
N TYR D 91 -11.74 8.36 16.61
CA TYR D 91 -12.66 9.31 16.05
C TYR D 91 -12.04 10.64 15.62
N SER D 92 -10.85 10.91 16.10
CA SER D 92 -10.13 12.13 15.76
C SER D 92 -8.67 11.88 15.35
N SER D 93 -8.39 10.84 14.56
CA SER D 93 -7.09 10.72 13.95
C SER D 93 -6.92 11.70 12.79
N THR D 94 -5.68 11.94 12.41
CA THR D 94 -5.37 12.75 11.27
C THR D 94 -4.60 11.99 10.15
N ARG D 95 -4.28 10.71 10.38
CA ARG D 95 -3.71 9.83 9.36
C ARG D 95 -4.35 8.47 9.53
N PRO D 96 -4.27 7.63 8.49
CA PRO D 96 -4.63 6.25 8.74
C PRO D 96 -3.69 5.67 9.77
N VAL D 97 -4.29 5.00 10.73
CA VAL D 97 -3.56 4.24 11.69
C VAL D 97 -2.62 3.26 11.00
N GLN D 98 -1.46 3.08 11.63
CA GLN D 98 -0.45 2.17 11.13
C GLN D 98 -0.35 1.04 12.14
N VAL D 99 -0.42 -0.19 11.62
CA VAL D 99 -0.37 -1.41 12.39
C VAL D 99 1.05 -1.93 12.51
N LEU D 100 1.50 -2.11 13.76
CA LEU D 100 2.87 -2.52 14.08
C LEU D 100 3.05 -4.00 14.47
N SER D 101 1.96 -4.78 14.42
CA SER D 101 2.02 -6.19 14.87
C SER D 101 1.36 -7.13 13.89
N PRO D 102 1.73 -8.41 13.93
CA PRO D 102 1.03 -9.36 13.10
C PRO D 102 -0.44 -9.44 13.51
N GLN D 103 -1.31 -9.57 12.52
CA GLN D 103 -2.73 -9.56 12.73
C GLN D 103 -3.19 -10.99 13.03
N ILE D 104 -3.04 -11.39 14.27
CA ILE D 104 -3.45 -12.71 14.68
C ILE D 104 -4.21 -12.57 15.95
N ALA D 105 -5.22 -13.41 16.13
CA ALA D 105 -5.98 -13.40 17.36
C ALA D 105 -5.84 -14.74 18.10
N VAL D 106 -6.22 -14.72 19.38
CA VAL D 106 -6.31 -15.92 20.16
C VAL D 106 -7.77 -16.26 20.38
N VAL D 107 -8.17 -17.49 20.06
CA VAL D 107 -9.56 -17.99 20.28
C VAL D 107 -9.58 -19.06 21.37
N THR D 108 -10.54 -18.97 22.27
CA THR D 108 -10.64 -19.89 23.39
C THR D 108 -11.94 -20.71 23.29
N HIS D 109 -11.89 -21.93 23.84
CA HIS D 109 -12.96 -22.90 23.68
C HIS D 109 -14.28 -22.43 24.20
N ASP D 110 -14.28 -21.41 25.03
CA ASP D 110 -15.54 -20.81 25.46
C ASP D 110 -16.11 -19.76 24.46
N GLY D 111 -15.42 -19.51 23.34
CA GLY D 111 -15.90 -18.57 22.33
C GLY D 111 -15.28 -17.19 22.49
N SER D 112 -14.43 -17.01 23.50
CA SER D 112 -13.68 -15.76 23.65
C SER D 112 -12.64 -15.62 22.56
N VAL D 113 -12.59 -14.41 22.02
CA VAL D 113 -11.53 -14.02 21.15
C VAL D 113 -10.77 -12.89 21.82
N MET D 114 -9.46 -12.85 21.55
CA MET D 114 -8.64 -11.82 22.07
C MET D 114 -7.69 -11.34 21.01
N PHE D 115 -7.69 -10.03 20.78
CA PHE D 115 -7.04 -9.44 19.66
C PHE D 115 -6.34 -8.22 20.20
N ILE D 116 -5.09 -7.99 19.80
CA ILE D 116 -4.29 -6.96 20.42
C ILE D 116 -3.37 -6.23 19.46
N PRO D 117 -3.97 -5.43 18.58
CA PRO D 117 -3.15 -4.72 17.63
C PRO D 117 -2.28 -3.61 18.27
N ALA D 118 -0.97 -3.68 18.01
CA ALA D 118 -0.08 -2.53 18.24
C ALA D 118 -0.24 -1.51 17.07
N GLN D 119 -0.47 -0.25 17.41
CA GLN D 119 -0.70 0.79 16.43
C GLN D 119 0.11 2.03 16.75
N ARG D 120 0.46 2.78 15.70
CA ARG D 120 0.89 4.19 15.82
C ARG D 120 -0.24 5.08 15.27
N LEU D 121 -0.65 6.10 16.04
CA LEU D 121 -1.77 6.97 15.67
C LEU D 121 -1.33 8.39 15.73
N SER D 122 -1.64 9.17 14.70
CA SER D 122 -1.52 10.60 14.77
C SER D 122 -2.93 11.12 15.01
N PHE D 123 -3.11 12.03 15.96
CA PHE D 123 -4.46 12.51 16.28
C PHE D 123 -4.47 13.94 16.74
N MET D 124 -5.63 14.56 16.73
CA MET D 124 -5.74 15.97 16.99
C MET D 124 -5.46 16.25 18.45
N CYS D 125 -4.50 17.15 18.69
CA CYS D 125 -4.08 17.48 20.04
C CYS D 125 -3.14 18.69 20.04
N ASP D 126 -3.49 19.75 20.77
CA ASP D 126 -2.69 20.97 20.87
C ASP D 126 -1.67 20.84 22.00
N PRO D 127 -0.39 20.79 21.67
CA PRO D 127 0.61 20.52 22.68
C PRO D 127 1.20 21.76 23.33
N THR D 128 0.49 22.88 23.26
CA THR D 128 0.98 24.11 23.82
C THR D 128 0.91 24.01 25.31
N GLY D 129 2.07 24.24 25.91
CA GLY D 129 2.29 24.06 27.34
C GLY D 129 3.04 22.78 27.70
N VAL D 130 3.41 21.98 26.70
CA VAL D 130 4.04 20.67 26.92
C VAL D 130 5.37 20.85 27.59
N ASP D 131 5.96 22.01 27.34
CA ASP D 131 7.27 22.38 27.86
C ASP D 131 7.19 23.06 29.23
N SER D 132 6.08 22.92 29.94
CA SER D 132 5.94 23.47 31.27
C SER D 132 6.03 22.34 32.31
N GLU D 133 6.07 22.72 33.58
CA GLU D 133 6.08 21.75 34.66
C GLU D 133 4.75 21.01 34.65
N GLU D 134 3.84 21.59 33.91
CA GLU D 134 2.46 21.41 34.16
C GLU D 134 1.81 20.59 33.07
N GLY D 135 2.42 20.60 31.89
CA GLY D 135 2.10 19.65 30.83
C GLY D 135 0.86 20.07 30.16
N VAL D 136 0.33 19.19 29.34
CA VAL D 136 -0.84 19.50 28.57
C VAL D 136 -1.66 18.20 28.57
N THR D 137 -2.99 18.31 28.45
CA THR D 137 -3.87 17.16 28.31
C THR D 137 -4.43 17.03 26.90
N CYS D 138 -4.52 15.79 26.44
CA CYS D 138 -5.12 15.51 25.17
C CYS D 138 -5.98 14.28 25.29
N ALA D 139 -6.91 14.12 24.35
CA ALA D 139 -7.98 13.12 24.43
C ALA D 139 -8.34 12.65 23.05
N VAL D 140 -8.65 11.36 22.94
CA VAL D 140 -9.15 10.81 21.68
C VAL D 140 -10.10 9.71 22.04
N LYS D 141 -11.26 9.74 21.41
CA LYS D 141 -12.27 8.71 21.58
C LYS D 141 -12.13 7.54 20.61
N PHE D 142 -12.33 6.34 21.12
CA PHE D 142 -12.42 5.19 20.27
C PHE D 142 -13.79 4.59 20.41
N GLY D 143 -14.24 3.93 19.35
CA GLY D 143 -15.52 3.26 19.33
C GLY D 143 -15.80 2.68 17.96
N SER D 144 -16.95 2.02 17.85
CA SER D 144 -17.34 1.40 16.58
C SER D 144 -17.67 2.52 15.62
N TRP D 145 -17.41 2.29 14.34
CA TRP D 145 -17.70 3.32 13.36
C TRP D 145 -19.17 3.26 13.03
N VAL D 146 -19.74 2.07 12.83
CA VAL D 146 -21.10 2.02 12.31
C VAL D 146 -22.13 1.31 13.18
N TYR D 147 -21.68 0.69 14.28
CA TYR D 147 -22.58 0.01 15.20
C TYR D 147 -22.90 0.89 16.40
N SER D 148 -24.18 1.01 16.71
CA SER D 148 -24.62 1.77 17.87
C SER D 148 -24.47 0.93 19.12
N GLY D 149 -24.91 1.46 20.24
CA GLY D 149 -24.77 0.78 21.51
C GLY D 149 -25.82 -0.29 21.69
N PHE D 150 -26.77 -0.35 20.75
CA PHE D 150 -27.75 -1.43 20.71
C PHE D 150 -27.18 -2.67 20.06
N GLU D 151 -26.09 -2.53 19.33
CA GLU D 151 -25.46 -3.64 18.65
C GLU D 151 -24.11 -3.95 19.28
N ILE D 152 -23.22 -2.95 19.41
CA ILE D 152 -21.96 -3.18 20.11
C ILE D 152 -21.94 -2.34 21.39
N ASP D 153 -21.80 -3.02 22.55
CA ASP D 153 -21.66 -2.39 23.87
C ASP D 153 -20.17 -2.44 24.20
N LEU D 154 -19.54 -1.27 24.33
CA LEU D 154 -18.15 -1.12 24.76
C LEU D 154 -18.02 -1.05 26.25
N LYS D 155 -16.93 -1.60 26.72
CA LYS D 155 -16.66 -1.72 28.14
C LYS D 155 -15.15 -1.56 28.29
N THR D 156 -14.73 -1.23 29.49
CA THR D 156 -13.34 -1.30 29.86
C THR D 156 -13.31 -2.22 31.08
N ASP D 157 -12.18 -2.83 31.38
CA ASP D 157 -12.06 -3.53 32.65
C ASP D 157 -11.71 -2.55 33.72
N THR D 158 -10.83 -1.62 33.40
CA THR D 158 -10.39 -0.65 34.37
C THR D 158 -10.34 0.61 33.56
N ASP D 159 -10.40 1.73 34.26
CA ASP D 159 -10.17 3.03 33.66
C ASP D 159 -8.70 3.40 33.58
N GLN D 160 -7.82 2.68 34.26
CA GLN D 160 -6.40 2.93 34.17
C GLN D 160 -5.76 2.30 32.95
N VAL D 161 -5.26 3.16 32.07
CA VAL D 161 -4.31 2.76 31.04
C VAL D 161 -3.07 2.16 31.69
N ASP D 162 -2.63 1.05 31.11
CA ASP D 162 -1.40 0.36 31.52
C ASP D 162 -0.13 1.13 31.07
N LEU D 163 0.63 1.62 32.02
CA LEU D 163 1.84 2.39 31.72
C LEU D 163 3.10 1.59 32.08
N SER D 164 2.95 0.30 32.38
CA SER D 164 4.06 -0.56 32.83
C SER D 164 5.10 -0.86 31.74
N SER D 165 4.80 -0.53 30.49
CA SER D 165 5.75 -0.62 29.36
C SER D 165 5.96 0.71 28.66
N TYR D 166 5.66 1.80 29.36
CA TYR D 166 5.93 3.09 28.76
C TYR D 166 7.46 3.26 28.68
N TYR D 167 7.92 3.74 27.52
CA TYR D 167 9.33 3.92 27.24
C TYR D 167 10.00 4.90 28.22
N ALA D 168 10.89 4.37 29.05
CA ALA D 168 11.50 5.16 30.15
C ALA D 168 12.33 6.35 29.65
N SER D 169 12.85 6.22 28.42
CA SER D 169 13.60 7.31 27.78
C SER D 169 12.86 8.02 26.63
N SER D 170 11.54 7.90 26.64
CA SER D 170 10.73 8.68 25.78
C SER D 170 11.02 10.12 26.04
N LYS D 171 10.54 10.91 25.13
CA LYS D 171 10.88 12.30 25.08
C LYS D 171 9.86 13.08 25.90
N TYR D 172 8.70 12.45 26.11
CA TYR D 172 7.63 13.00 26.89
C TYR D 172 7.30 12.02 27.98
N GLU D 173 7.09 12.55 29.18
CA GLU D 173 6.66 11.74 30.32
C GLU D 173 5.13 11.85 30.56
N ILE D 174 4.53 10.74 31.02
CA ILE D 174 3.11 10.62 31.19
C ILE D 174 2.74 10.95 32.60
N LEU D 175 1.92 11.97 32.76
CA LEU D 175 1.51 12.39 34.09
C LEU D 175 0.26 11.61 34.47
N SER D 176 -0.61 11.32 33.50
CA SER D 176 -1.76 10.46 33.73
C SER D 176 -2.32 9.96 32.41
N ALA D 177 -2.89 8.76 32.44
CA ALA D 177 -3.54 8.20 31.26
C ALA D 177 -4.72 7.38 31.73
N THR D 178 -5.91 7.75 31.25
CA THR D 178 -7.10 7.01 31.60
C THR D 178 -7.92 6.72 30.37
N GLN D 179 -8.78 5.73 30.50
CA GLN D 179 -9.63 5.25 29.41
C GLN D 179 -11.04 5.09 30.01
N THR D 180 -12.02 5.87 29.55
CA THR D 180 -13.32 5.94 30.19
C THR D 180 -14.47 5.75 29.22
N ARG D 181 -15.33 4.80 29.54
CA ARG D 181 -16.57 4.58 28.78
C ARG D 181 -17.51 5.78 28.90
N GLN D 182 -17.99 6.25 27.74
CA GLN D 182 -18.94 7.35 27.68
C GLN D 182 -20.15 6.90 26.89
N VAL D 183 -21.35 7.34 27.25
CA VAL D 183 -22.57 7.10 26.45
C VAL D 183 -23.10 8.44 26.02
N GLN D 184 -23.32 8.68 24.73
CA GLN D 184 -23.93 9.96 24.29
C GLN D 184 -25.25 9.58 23.60
N HIS D 185 -26.25 10.47 23.64
CA HIS D 185 -27.48 10.29 22.87
C HIS D 185 -27.70 11.49 21.97
N TYR D 186 -27.95 11.27 20.69
CA TYR D 186 -28.19 12.36 19.76
C TYR D 186 -29.70 12.50 19.45
N SER D 187 -30.12 13.74 19.20
CA SER D 187 -31.54 14.07 19.08
C SER D 187 -32.20 13.41 17.89
N CYS D 188 -31.39 13.21 16.85
CA CYS D 188 -31.81 12.44 15.66
C CYS D 188 -32.50 11.12 16.03
N CYS D 189 -31.79 10.29 16.81
CA CYS D 189 -32.06 8.84 16.89
C CYS D 189 -32.14 8.20 18.25
N PRO D 190 -32.99 7.18 18.37
CA PRO D 190 -33.31 6.54 19.64
C PRO D 190 -32.17 5.77 20.29
N GLU D 191 -31.16 5.37 19.52
CA GLU D 191 -30.17 4.44 20.02
C GLU D 191 -28.95 5.16 20.58
N PRO D 192 -28.36 4.62 21.66
CA PRO D 192 -27.28 5.30 22.36
C PRO D 192 -26.00 5.02 21.63
N TYR D 193 -25.01 5.87 21.81
CA TYR D 193 -23.70 5.65 21.22
C TYR D 193 -22.61 5.66 22.30
N ILE D 194 -21.73 4.67 22.20
CA ILE D 194 -20.71 4.43 23.23
C ILE D 194 -19.32 4.70 22.65
N ASP D 195 -18.42 5.23 23.45
CA ASP D 195 -16.99 5.38 23.05
C ASP D 195 -16.15 5.15 24.30
N VAL D 196 -14.89 4.82 24.12
CA VAL D 196 -13.93 4.85 25.23
C VAL D 196 -13.03 6.07 25.01
N ASN D 197 -13.05 6.99 25.93
CA ASN D 197 -12.25 8.21 25.80
C ASN D 197 -10.84 7.98 26.39
N LEU D 198 -9.81 7.93 25.55
CA LEU D 198 -8.40 7.89 26.00
C LEU D 198 -7.87 9.28 26.35
N VAL D 199 -7.64 9.55 27.64
CA VAL D 199 -7.17 10.88 28.07
C VAL D 199 -5.73 10.81 28.60
N VAL D 200 -4.83 11.56 27.99
CA VAL D 200 -3.42 11.51 28.33
C VAL D 200 -2.89 12.89 28.65
N LYS D 201 -2.39 13.02 29.86
CA LYS D 201 -1.76 14.26 30.30
C LYS D 201 -0.26 14.00 30.35
N PHE D 202 0.47 14.87 29.68
CA PHE D 202 1.90 14.69 29.58
C PHE D 202 2.67 15.98 29.51
N ARG D 203 3.97 15.85 29.65
CA ARG D 203 4.83 16.95 29.48
C ARG D 203 6.15 16.46 28.92
N GLU D 204 6.96 17.44 28.53
CA GLU D 204 8.32 17.23 28.09
C GLU D 204 9.13 16.72 29.26
N ARG D 205 9.81 15.61 29.07
CA ARG D 205 10.71 15.05 30.09
C ARG D 205 11.27 16.06 31.10
N GLN E 1 -28.12 -14.03 14.33
CA GLN E 1 -27.10 -14.36 13.31
C GLN E 1 -27.71 -15.27 12.22
N ALA E 2 -28.47 -16.30 12.60
CA ALA E 2 -29.12 -17.14 11.57
C ALA E 2 -29.90 -16.26 10.58
N ASN E 3 -30.85 -15.49 11.10
CA ASN E 3 -31.64 -14.59 10.26
C ASN E 3 -30.82 -13.51 9.51
N LEU E 4 -29.77 -12.97 10.10
CA LEU E 4 -29.01 -11.96 9.38
C LEU E 4 -28.20 -12.57 8.25
N MET E 5 -27.64 -13.74 8.49
CA MET E 5 -26.89 -14.47 7.44
C MET E 5 -27.77 -14.82 6.26
N ARG E 6 -28.99 -15.21 6.58
CA ARG E 6 -29.98 -15.51 5.59
C ARG E 6 -30.38 -14.28 4.74
N LEU E 7 -30.49 -13.12 5.36
CA LEU E 7 -30.78 -11.88 4.63
C LEU E 7 -29.61 -11.51 3.74
N LYS E 8 -28.41 -11.55 4.28
CA LYS E 8 -27.24 -11.09 3.52
C LYS E 8 -27.06 -11.96 2.32
N SER E 9 -27.29 -13.24 2.50
CA SER E 9 -27.17 -14.22 1.41
C SER E 9 -28.21 -13.94 0.34
N ASP E 10 -29.42 -13.70 0.79
CA ASP E 10 -30.53 -13.45 -0.11
C ASP E 10 -30.30 -12.15 -0.87
N LEU E 11 -29.74 -11.13 -0.22
CA LEU E 11 -29.51 -9.88 -0.92
C LEU E 11 -28.30 -9.92 -1.85
N PHE E 12 -27.23 -10.63 -1.46
CA PHE E 12 -25.94 -10.48 -2.15
C PHE E 12 -25.52 -11.65 -3.01
N ASN E 13 -25.92 -12.88 -2.68
CA ASN E 13 -25.46 -14.06 -3.41
C ASN E 13 -26.45 -14.58 -4.44
N ARG E 14 -27.68 -14.09 -4.42
CA ARG E 14 -28.70 -14.60 -5.36
C ARG E 14 -28.84 -13.83 -6.67
N SER E 15 -28.01 -12.78 -6.84
CA SER E 15 -28.10 -11.90 -7.99
C SER E 15 -26.89 -10.97 -8.00
N PRO E 16 -26.59 -10.42 -9.17
CA PRO E 16 -25.40 -9.59 -9.27
C PRO E 16 -25.64 -8.29 -8.54
N MET E 17 -24.55 -7.53 -8.41
CA MET E 17 -24.52 -6.25 -7.73
C MET E 17 -25.30 -5.24 -8.57
N TYR E 18 -25.81 -4.20 -7.94
CA TYR E 18 -26.43 -3.10 -8.64
C TYR E 18 -25.40 -2.52 -9.62
N PRO E 19 -25.77 -2.39 -10.92
CA PRO E 19 -24.83 -1.96 -11.94
C PRO E 19 -24.61 -0.45 -12.02
N GLY E 20 -25.20 0.32 -11.10
CA GLY E 20 -25.15 1.75 -11.20
C GLY E 20 -26.29 2.27 -12.04
N PRO E 21 -26.52 3.57 -11.94
CA PRO E 21 -27.66 4.22 -12.56
C PRO E 21 -27.55 4.48 -14.06
N THR E 22 -28.71 4.56 -14.71
CA THR E 22 -28.79 5.03 -16.09
C THR E 22 -29.68 6.24 -16.19
N LYS E 23 -29.66 6.85 -17.36
CA LYS E 23 -30.54 7.96 -17.68
C LYS E 23 -32.02 7.68 -17.40
N ASP E 24 -32.51 6.51 -17.85
CA ASP E 24 -33.87 6.08 -17.54
C ASP E 24 -34.13 5.80 -16.06
N ASP E 25 -33.13 5.31 -15.34
CA ASP E 25 -33.29 5.01 -13.91
C ASP E 25 -32.22 5.74 -13.10
N PRO E 26 -32.36 7.07 -12.98
CA PRO E 26 -31.39 7.83 -12.22
C PRO E 26 -31.49 7.54 -10.74
N LEU E 27 -30.45 7.98 -10.04
CA LEU E 27 -30.29 7.76 -8.62
C LEU E 27 -29.84 9.09 -7.96
N THR E 28 -30.40 9.40 -6.80
CA THR E 28 -30.13 10.63 -6.10
C THR E 28 -29.28 10.30 -4.90
N VAL E 29 -28.10 10.87 -4.84
CA VAL E 29 -27.20 10.62 -3.74
C VAL E 29 -27.17 11.87 -2.91
N THR E 30 -27.28 11.73 -1.59
CA THR E 30 -27.22 12.90 -0.75
C THR E 30 -25.88 12.96 -0.03
N LEU E 31 -25.37 14.19 0.12
CA LEU E 31 -24.02 14.42 0.65
C LEU E 31 -24.04 15.42 1.74
N GLY E 32 -23.20 15.20 2.75
CA GLY E 32 -23.14 16.15 3.83
C GLY E 32 -21.79 16.02 4.45
N PHE E 33 -21.28 17.09 5.05
CA PHE E 33 -19.95 17.04 5.60
C PHE E 33 -19.96 17.43 7.05
N THR E 34 -19.22 16.67 7.84
CA THR E 34 -18.92 17.04 9.19
C THR E 34 -17.41 17.34 9.26
N LEU E 35 -17.07 18.60 9.48
CA LEU E 35 -15.70 19.07 9.34
C LEU E 35 -15.05 19.07 10.69
N GLN E 36 -14.07 18.19 10.86
CA GLN E 36 -13.39 18.03 12.13
C GLN E 36 -12.17 18.93 12.33
N ASP E 37 -11.36 19.14 11.29
CA ASP E 37 -10.14 19.90 11.48
C ASP E 37 -9.54 20.42 10.17
N ILE E 38 -9.07 21.66 10.20
CA ILE E 38 -8.06 22.10 9.28
C ILE E 38 -6.76 21.83 9.99
N VAL E 39 -6.12 20.74 9.58
CA VAL E 39 -4.88 20.27 10.18
C VAL E 39 -3.68 21.14 9.85
N LYS E 40 -3.57 21.55 8.59
CA LYS E 40 -2.34 22.10 8.04
C LYS E 40 -2.57 22.96 6.83
N VAL E 41 -1.74 23.98 6.70
CA VAL E 41 -1.81 24.89 5.57
C VAL E 41 -0.40 24.98 5.06
N ASP E 42 -0.20 24.84 3.75
CA ASP E 42 1.15 24.95 3.16
C ASP E 42 1.19 26.12 2.21
N SER E 43 1.81 27.21 2.67
CA SER E 43 1.77 28.44 1.91
C SER E 43 2.75 28.43 0.75
N SER E 44 3.69 27.47 0.74
CA SER E 44 4.68 27.35 -0.32
C SER E 44 4.18 26.50 -1.49
N THR E 45 3.15 25.68 -1.25
CA THR E 45 2.52 24.87 -2.29
C THR E 45 1.04 25.17 -2.54
N ASN E 46 0.47 26.11 -1.77
CA ASN E 46 -0.99 26.39 -1.77
C ASN E 46 -1.80 25.09 -1.77
N GLU E 47 -1.56 24.31 -0.71
CA GLU E 47 -2.31 23.11 -0.40
C GLU E 47 -2.80 23.22 1.04
N VAL E 48 -4.07 22.92 1.29
CA VAL E 48 -4.64 22.85 2.64
C VAL E 48 -5.19 21.43 2.90
N ASP E 49 -4.97 20.95 4.11
CA ASP E 49 -5.41 19.59 4.50
C ASP E 49 -6.64 19.58 5.43
N LEU E 50 -7.70 18.89 5.00
CA LEU E 50 -8.91 18.79 5.84
C LEU E 50 -9.06 17.38 6.41
N VAL E 51 -9.65 17.32 7.59
CA VAL E 51 -10.11 16.06 8.14
C VAL E 51 -11.60 16.26 8.37
N TYR E 52 -12.39 15.38 7.79
CA TYR E 52 -13.83 15.45 7.91
C TYR E 52 -14.37 14.06 7.77
N TYR E 53 -15.67 13.93 7.98
CA TYR E 53 -16.34 12.76 7.53
C TYR E 53 -17.59 13.15 6.73
N GLU E 54 -17.80 12.39 5.67
CA GLU E 54 -18.65 12.69 4.60
C GLU E 54 -19.81 11.69 4.57
N GLN E 55 -21.02 12.19 4.79
CA GLN E 55 -22.20 11.34 4.88
C GLN E 55 -22.73 11.12 3.48
N GLN E 56 -22.73 9.87 3.02
CA GLN E 56 -23.30 9.52 1.74
C GLN E 56 -24.53 8.67 1.90
N ARG E 57 -25.60 9.01 1.19
CA ARG E 57 -26.87 8.34 1.34
C ARG E 57 -27.53 8.15 -0.02
N TRP E 58 -28.14 6.96 -0.24
CA TRP E 58 -28.98 6.73 -1.40
C TRP E 58 -29.91 5.52 -1.16
N LYS E 59 -30.87 5.27 -2.06
CA LYS E 59 -31.89 4.21 -1.90
C LYS E 59 -32.08 3.33 -3.14
N LEU E 60 -31.96 2.03 -2.96
CA LEU E 60 -32.04 1.08 -4.07
C LEU E 60 -33.16 0.10 -3.79
N ASN E 61 -34.10 -0.07 -4.72
CA ASN E 61 -35.15 -1.10 -4.58
C ASN E 61 -34.61 -2.51 -4.38
N SER E 62 -33.56 -2.87 -5.10
CA SER E 62 -32.95 -4.21 -4.91
C SER E 62 -32.40 -4.51 -3.51
N LEU E 63 -32.10 -3.51 -2.68
CA LEU E 63 -31.61 -3.75 -1.30
C LEU E 63 -32.75 -3.67 -0.27
N MET E 64 -33.97 -3.77 -0.75
CA MET E 64 -35.16 -3.62 0.03
C MET E 64 -35.67 -5.01 0.49
N TRP E 65 -36.22 -5.10 1.71
CA TRP E 65 -36.72 -6.37 2.25
C TRP E 65 -37.78 -6.19 3.34
N ASP E 66 -38.63 -7.19 3.49
CA ASP E 66 -39.65 -7.22 4.54
C ASP E 66 -39.14 -7.81 5.88
N PRO E 67 -39.00 -6.97 6.93
CA PRO E 67 -38.46 -7.42 8.20
C PRO E 67 -39.11 -8.64 8.81
N ASN E 68 -40.40 -8.79 8.60
CA ASN E 68 -41.13 -9.97 9.10
C ASN E 68 -40.56 -11.31 8.58
N GLU E 69 -39.97 -11.31 7.39
CA GLU E 69 -39.34 -12.49 6.80
C GLU E 69 -37.94 -12.76 7.34
N TYR E 70 -37.35 -11.79 8.04
CA TYR E 70 -36.01 -11.97 8.56
C TYR E 70 -35.88 -11.57 10.02
N GLY E 71 -36.69 -12.21 10.85
CA GLY E 71 -36.65 -12.06 12.29
C GLY E 71 -36.77 -10.66 12.79
N ASN E 72 -37.56 -9.82 12.11
CA ASN E 72 -37.80 -8.42 12.52
C ASN E 72 -36.50 -7.56 12.49
N ILE E 73 -35.52 -8.00 11.71
CA ILE E 73 -34.35 -7.16 11.47
C ILE E 73 -34.80 -6.02 10.57
N THR E 74 -34.43 -4.80 10.95
CA THR E 74 -34.82 -3.56 10.24
C THR E 74 -33.63 -2.86 9.55
N ASP E 75 -32.40 -3.27 9.89
CA ASP E 75 -31.21 -2.70 9.26
C ASP E 75 -29.95 -3.44 9.63
N PHE E 76 -28.88 -3.35 8.85
CA PHE E 76 -27.67 -4.06 9.17
C PHE E 76 -26.42 -3.40 8.68
N ARG E 77 -25.27 -3.87 9.16
CA ARG E 77 -24.01 -3.25 8.77
C ARG E 77 -23.34 -4.24 7.86
N THR E 78 -22.61 -3.79 6.87
CA THR E 78 -21.89 -4.70 6.02
C THR E 78 -20.77 -3.97 5.32
N SER E 79 -19.72 -4.70 5.01
CA SER E 79 -18.58 -4.14 4.35
C SER E 79 -19.03 -3.41 3.09
N ALA E 80 -18.46 -2.25 2.82
CA ALA E 80 -18.82 -1.48 1.62
C ALA E 80 -18.48 -2.22 0.30
N ALA E 81 -17.59 -3.20 0.32
CA ALA E 81 -17.26 -4.00 -0.88
C ALA E 81 -18.41 -4.93 -1.29
N ASP E 82 -19.36 -5.18 -0.41
CA ASP E 82 -20.52 -6.03 -0.74
C ASP E 82 -21.61 -5.29 -1.53
N ILE E 83 -21.51 -3.95 -1.60
CA ILE E 83 -22.50 -3.13 -2.29
C ILE E 83 -21.89 -2.15 -3.27
N TRP E 84 -22.71 -1.70 -4.21
CA TRP E 84 -22.31 -0.59 -5.07
C TRP E 84 -22.17 0.62 -4.19
N THR E 85 -21.19 1.46 -4.50
CA THR E 85 -21.03 2.80 -3.95
C THR E 85 -20.82 3.82 -5.11
N PRO E 86 -21.27 5.06 -4.91
CA PRO E 86 -21.12 6.02 -5.99
C PRO E 86 -19.68 6.50 -6.05
N ASP E 87 -19.22 6.83 -7.26
CA ASP E 87 -17.85 7.27 -7.49
C ASP E 87 -17.67 8.77 -7.14
N ILE E 88 -18.07 9.19 -5.95
CA ILE E 88 -17.95 10.59 -5.59
C ILE E 88 -16.50 10.96 -5.30
N THR E 89 -16.03 12.08 -5.84
CA THR E 89 -14.63 12.45 -5.65
C THR E 89 -14.47 13.97 -5.50
N ALA E 90 -13.41 14.38 -4.83
CA ALA E 90 -13.01 15.79 -4.83
C ALA E 90 -12.36 16.12 -6.18
N TYR E 91 -12.85 17.16 -6.83
CA TYR E 91 -12.33 17.54 -8.13
C TYR E 91 -10.95 18.23 -8.12
N SER E 92 -10.56 18.83 -7.00
CA SER E 92 -9.34 19.63 -6.95
C SER E 92 -8.38 19.19 -5.82
N SER E 93 -8.32 17.89 -5.55
CA SER E 93 -7.42 17.39 -4.54
C SER E 93 -6.06 17.32 -5.18
N THR E 94 -5.01 17.23 -4.36
CA THR E 94 -3.64 17.16 -4.84
C THR E 94 -2.88 15.93 -4.33
N ARG E 95 -3.54 15.16 -3.46
CA ARG E 95 -3.03 13.88 -3.01
C ARG E 95 -4.23 12.92 -3.03
N PRO E 96 -3.98 11.63 -3.26
CA PRO E 96 -5.08 10.69 -3.10
C PRO E 96 -5.63 10.81 -1.72
N VAL E 97 -6.94 10.93 -1.60
CA VAL E 97 -7.62 10.95 -0.32
C VAL E 97 -7.19 9.77 0.53
N GLN E 98 -7.00 10.03 1.82
CA GLN E 98 -6.66 8.99 2.82
C GLN E 98 -7.87 8.62 3.66
N VAL E 99 -8.20 7.33 3.70
CA VAL E 99 -9.37 6.86 4.41
C VAL E 99 -9.03 6.58 5.89
N LEU E 100 -9.81 7.17 6.79
CA LEU E 100 -9.52 7.14 8.23
C LEU E 100 -10.44 6.25 9.04
N SER E 101 -11.38 5.56 8.36
CA SER E 101 -12.45 4.79 9.00
C SER E 101 -12.69 3.46 8.31
N PRO E 102 -13.24 2.49 9.05
CA PRO E 102 -13.57 1.19 8.45
C PRO E 102 -14.62 1.37 7.39
N GLN E 103 -14.42 0.70 6.26
CA GLN E 103 -15.25 0.91 5.09
C GLN E 103 -16.42 -0.03 5.22
N ILE E 104 -17.37 0.40 6.06
CA ILE E 104 -18.62 -0.32 6.33
C ILE E 104 -19.80 0.62 6.12
N ALA E 105 -20.92 0.03 5.74
CA ALA E 105 -22.15 0.78 5.43
C ALA E 105 -23.30 0.16 6.18
N VAL E 106 -24.30 0.98 6.37
CA VAL E 106 -25.54 0.59 7.02
C VAL E 106 -26.63 0.52 5.96
N VAL E 107 -27.27 -0.64 5.84
CA VAL E 107 -28.37 -0.87 4.90
C VAL E 107 -29.65 -1.03 5.69
N THR E 108 -30.70 -0.31 5.26
CA THR E 108 -31.99 -0.31 5.95
C THR E 108 -33.03 -0.96 5.09
N HIS E 109 -34.03 -1.57 5.73
CA HIS E 109 -34.98 -2.44 5.06
C HIS E 109 -35.76 -1.76 3.92
N ASP E 110 -35.81 -0.44 3.94
CA ASP E 110 -36.43 0.30 2.85
C ASP E 110 -35.48 0.46 1.67
N GLY E 111 -34.30 -0.13 1.73
CA GLY E 111 -33.32 0.02 0.66
C GLY E 111 -32.39 1.20 0.80
N SER E 112 -32.49 1.93 1.91
CA SER E 112 -31.56 3.03 2.17
C SER E 112 -30.19 2.52 2.53
N VAL E 113 -29.17 3.15 1.95
CA VAL E 113 -27.82 2.85 2.36
C VAL E 113 -27.29 4.12 2.95
N MET E 114 -26.47 3.95 3.95
CA MET E 114 -25.75 5.09 4.52
C MET E 114 -24.29 4.74 4.69
N PHE E 115 -23.43 5.57 4.13
CA PHE E 115 -21.99 5.32 4.09
C PHE E 115 -21.29 6.62 4.51
N ILE E 116 -20.36 6.54 5.43
CA ILE E 116 -19.78 7.75 6.00
C ILE E 116 -18.26 7.74 6.15
N PRO E 117 -17.53 7.75 5.03
CA PRO E 117 -16.08 7.66 5.14
C PRO E 117 -15.45 8.90 5.76
N ALA E 118 -14.56 8.67 6.70
CA ALA E 118 -13.76 9.74 7.29
C ALA E 118 -12.53 9.80 6.40
N GLN E 119 -12.12 11.00 6.04
CA GLN E 119 -11.05 11.23 5.11
C GLN E 119 -10.15 12.39 5.57
N ARG E 120 -8.87 12.34 5.19
CA ARG E 120 -8.03 13.51 5.15
C ARG E 120 -7.82 13.85 3.71
N LEU E 121 -7.98 15.13 3.36
CA LEU E 121 -7.87 15.56 1.98
C LEU E 121 -6.91 16.70 1.92
N SER E 122 -5.99 16.63 0.96
CA SER E 122 -5.20 17.77 0.57
C SER E 122 -5.81 18.36 -0.70
N PHE E 123 -6.04 19.66 -0.72
CA PHE E 123 -6.60 20.28 -1.90
C PHE E 123 -6.06 21.68 -2.16
N MET E 124 -6.38 22.19 -3.35
CA MET E 124 -5.83 23.41 -3.91
C MET E 124 -6.44 24.60 -3.26
N CYS E 125 -5.62 25.40 -2.58
CA CYS E 125 -6.09 26.54 -1.82
C CYS E 125 -4.94 27.46 -1.41
N ASP E 126 -5.01 28.72 -1.77
CA ASP E 126 -4.01 29.70 -1.37
C ASP E 126 -4.44 30.27 -0.05
N PRO E 127 -3.68 30.02 1.00
CA PRO E 127 -4.08 30.44 2.33
C PRO E 127 -3.68 31.89 2.68
N THR E 128 -3.19 32.64 1.70
CA THR E 128 -2.75 34.01 1.95
C THR E 128 -3.91 34.81 2.56
N GLY E 129 -3.61 35.48 3.69
CA GLY E 129 -4.57 36.20 4.55
C GLY E 129 -5.12 35.35 5.69
N VAL E 130 -4.59 34.15 5.88
CA VAL E 130 -5.06 33.27 6.95
C VAL E 130 -4.71 33.88 8.30
N ASP E 131 -3.61 34.61 8.38
CA ASP E 131 -3.13 35.23 9.62
C ASP E 131 -3.63 36.64 9.83
N SER E 132 -4.76 36.98 9.23
CA SER E 132 -5.39 38.27 9.50
C SER E 132 -6.69 38.00 10.25
N GLU E 133 -7.36 39.06 10.73
CA GLU E 133 -8.56 38.93 11.57
C GLU E 133 -9.71 38.52 10.69
N GLU E 134 -9.39 38.44 9.43
CA GLU E 134 -10.39 38.43 8.42
C GLU E 134 -10.44 37.11 7.67
N GLY E 135 -9.28 36.46 7.60
CA GLY E 135 -9.23 35.10 7.20
C GLY E 135 -9.20 34.96 5.71
N VAL E 136 -9.31 33.72 5.28
CA VAL E 136 -9.22 33.39 3.89
C VAL E 136 -10.31 32.39 3.59
N THR E 137 -10.74 32.35 2.35
CA THR E 137 -11.81 31.44 1.95
C THR E 137 -11.28 30.50 0.91
N CYS E 138 -11.60 29.23 1.04
CA CYS E 138 -11.17 28.22 0.09
C CYS E 138 -12.29 27.28 -0.27
N ALA E 139 -12.20 26.67 -1.44
CA ALA E 139 -13.35 25.92 -1.95
C ALA E 139 -12.88 24.61 -2.54
N VAL E 140 -13.73 23.58 -2.44
CA VAL E 140 -13.45 22.35 -3.19
C VAL E 140 -14.76 21.67 -3.60
N LYS E 141 -14.87 21.32 -4.87
CA LYS E 141 -16.08 20.71 -5.35
C LYS E 141 -16.05 19.18 -5.20
N PHE E 142 -17.21 18.60 -4.93
CA PHE E 142 -17.31 17.15 -4.88
C PHE E 142 -18.44 16.73 -5.79
N GLY E 143 -18.24 15.62 -6.49
CA GLY E 143 -19.25 15.04 -7.36
C GLY E 143 -18.81 13.70 -7.90
N SER E 144 -19.67 13.12 -8.71
CA SER E 144 -19.37 11.89 -9.40
C SER E 144 -18.26 12.15 -10.42
N TRP E 145 -17.41 11.17 -10.66
CA TRP E 145 -16.35 11.34 -11.62
C TRP E 145 -16.79 11.08 -13.05
N VAL E 146 -17.70 10.12 -13.24
CA VAL E 146 -18.09 9.72 -14.59
C VAL E 146 -19.60 9.72 -14.91
N TYR E 147 -20.45 9.92 -13.91
CA TYR E 147 -21.90 10.03 -14.13
C TYR E 147 -22.29 11.50 -14.18
N SER E 148 -23.01 11.89 -15.21
CA SER E 148 -23.65 13.21 -15.26
C SER E 148 -24.91 13.33 -14.36
N GLY E 149 -25.53 14.51 -14.45
CA GLY E 149 -26.77 14.81 -13.72
C GLY E 149 -28.01 14.15 -14.24
N PHE E 150 -27.86 13.43 -15.34
CA PHE E 150 -28.91 12.57 -15.82
C PHE E 150 -28.87 11.20 -15.22
N GLU E 151 -27.80 10.82 -14.54
CA GLU E 151 -27.70 9.49 -13.92
C GLU E 151 -27.52 9.58 -12.40
N ILE E 152 -26.64 10.47 -11.93
CA ILE E 152 -26.53 10.76 -10.52
C ILE E 152 -26.90 12.25 -10.23
N ASP E 153 -28.02 12.43 -9.52
CA ASP E 153 -28.45 13.73 -9.03
C ASP E 153 -27.92 13.83 -7.60
N LEU E 154 -27.00 14.76 -7.36
CA LEU E 154 -26.58 15.10 -5.99
C LEU E 154 -27.57 16.00 -5.25
N LYS E 155 -27.49 15.96 -3.93
CA LYS E 155 -28.40 16.70 -3.06
C LYS E 155 -27.69 16.89 -1.73
N THR E 156 -28.07 17.95 -1.01
CA THR E 156 -27.67 18.10 0.39
C THR E 156 -28.93 18.14 1.20
N ASP E 157 -28.83 17.80 2.47
CA ASP E 157 -29.92 18.03 3.42
C ASP E 157 -29.96 19.39 4.07
N THR E 158 -28.82 20.06 4.08
CA THR E 158 -28.67 21.39 4.62
C THR E 158 -27.50 21.99 3.88
N ASP E 159 -27.41 23.31 3.87
CA ASP E 159 -26.26 24.00 3.32
C ASP E 159 -25.22 24.32 4.36
N GLN E 160 -25.56 24.16 5.64
CA GLN E 160 -24.58 24.31 6.70
C GLN E 160 -23.84 23.00 6.93
N VAL E 161 -22.51 23.10 6.78
CA VAL E 161 -21.57 22.08 7.17
C VAL E 161 -21.63 21.88 8.69
N ASP E 162 -21.73 20.64 9.13
CA ASP E 162 -21.81 20.36 10.55
C ASP E 162 -20.45 20.64 11.21
N LEU E 163 -20.42 21.71 12.01
CA LEU E 163 -19.25 22.07 12.79
C LEU E 163 -19.33 21.70 14.28
N SER E 164 -20.24 20.80 14.64
CA SER E 164 -20.46 20.43 16.07
C SER E 164 -19.36 19.49 16.65
N SER E 165 -18.52 18.95 15.77
CA SER E 165 -17.34 18.19 16.17
C SER E 165 -16.02 18.81 15.73
N TYR E 166 -16.04 20.08 15.30
CA TYR E 166 -14.79 20.75 14.91
C TYR E 166 -13.85 20.83 16.14
N TYR E 167 -12.60 20.51 15.94
CA TYR E 167 -11.63 20.46 17.02
C TYR E 167 -11.43 21.81 17.63
N ALA E 168 -11.88 21.98 18.87
CA ALA E 168 -11.87 23.28 19.54
C ALA E 168 -10.49 23.96 19.70
N SER E 169 -9.42 23.18 19.65
CA SER E 169 -8.05 23.66 19.81
C SER E 169 -7.29 23.43 18.52
N SER E 170 -8.03 23.25 17.44
CA SER E 170 -7.38 23.34 16.15
C SER E 170 -6.50 24.58 16.07
N LYS E 171 -5.68 24.54 15.06
CA LYS E 171 -4.73 25.60 14.80
C LYS E 171 -5.40 26.71 14.02
N TYR E 172 -6.45 26.35 13.27
CA TYR E 172 -7.26 27.30 12.50
C TYR E 172 -8.70 27.32 12.98
N GLU E 173 -9.30 28.50 13.09
CA GLU E 173 -10.71 28.58 13.53
C GLU E 173 -11.65 28.83 12.35
N ILE E 174 -12.81 28.19 12.37
CA ILE E 174 -13.74 28.30 11.25
C ILE E 174 -14.68 29.49 11.38
N LEU E 175 -14.66 30.36 10.38
CA LEU E 175 -15.57 31.53 10.36
C LEU E 175 -16.91 31.20 9.70
N SER E 176 -16.87 30.31 8.70
CA SER E 176 -18.05 29.80 8.03
C SER E 176 -17.70 28.57 7.20
N ALA E 177 -18.63 27.64 7.08
CA ALA E 177 -18.45 26.43 6.25
C ALA E 177 -19.80 26.01 5.68
N THR E 178 -19.94 26.10 4.36
CA THR E 178 -21.20 25.82 3.71
C THR E 178 -20.98 24.74 2.65
N GLN E 179 -22.08 24.11 2.23
CA GLN E 179 -22.04 23.01 1.25
C GLN E 179 -23.19 23.17 0.26
N THR E 180 -22.88 23.60 -0.95
CA THR E 180 -23.94 23.97 -1.86
C THR E 180 -23.94 23.15 -3.14
N ARG E 181 -25.12 22.59 -3.42
CA ARG E 181 -25.42 21.98 -4.73
C ARG E 181 -25.29 23.02 -5.85
N GLN E 182 -24.54 22.66 -6.91
CA GLN E 182 -24.40 23.48 -8.11
C GLN E 182 -24.83 22.67 -9.31
N VAL E 183 -25.68 23.26 -10.13
CA VAL E 183 -25.94 22.71 -11.45
C VAL E 183 -25.33 23.63 -12.48
N GLN E 184 -24.75 23.01 -13.49
CA GLN E 184 -23.99 23.73 -14.45
C GLN E 184 -24.19 23.15 -15.84
N HIS E 185 -24.30 24.04 -16.82
CA HIS E 185 -24.61 23.69 -18.20
C HIS E 185 -23.60 24.38 -19.14
N TYR E 186 -22.96 23.59 -20.00
CA TYR E 186 -21.97 24.06 -20.96
C TYR E 186 -22.38 23.70 -22.38
N SER E 187 -22.54 24.67 -23.25
CA SER E 187 -23.12 24.32 -24.55
C SER E 187 -22.28 23.34 -25.39
N CYS E 188 -21.03 23.06 -24.99
CA CYS E 188 -20.28 22.01 -25.66
C CYS E 188 -20.93 20.66 -25.48
N CYS E 189 -21.68 20.51 -24.41
CA CYS E 189 -21.89 19.21 -23.83
C CYS E 189 -23.36 19.04 -23.39
N PRO E 190 -24.10 18.11 -24.03
CA PRO E 190 -25.57 17.92 -23.88
C PRO E 190 -26.08 17.60 -22.44
N GLU E 191 -25.17 17.17 -21.55
CA GLU E 191 -25.53 16.75 -20.18
C GLU E 191 -25.23 17.83 -19.13
N PRO E 192 -25.96 17.81 -18.00
CA PRO E 192 -25.71 18.77 -16.96
C PRO E 192 -24.67 18.26 -15.99
N TYR E 193 -24.05 19.16 -15.25
CA TYR E 193 -23.05 18.76 -14.27
C TYR E 193 -23.35 19.28 -12.87
N ILE E 194 -23.45 18.36 -11.94
CA ILE E 194 -23.83 18.66 -10.58
C ILE E 194 -22.66 18.41 -9.67
N ASP E 195 -22.47 19.30 -8.71
CA ASP E 195 -21.45 19.10 -7.69
C ASP E 195 -21.97 19.68 -6.40
N VAL E 196 -21.30 19.37 -5.30
CA VAL E 196 -21.55 20.04 -4.04
C VAL E 196 -20.27 20.81 -3.74
N ASN E 197 -20.38 22.13 -3.64
CA ASN E 197 -19.25 23.04 -3.41
C ASN E 197 -19.01 23.21 -1.90
N LEU E 198 -17.88 22.73 -1.38
CA LEU E 198 -17.54 22.91 0.02
C LEU E 198 -16.73 24.19 0.19
N VAL E 199 -17.32 25.21 0.77
CA VAL E 199 -16.68 26.50 0.93
C VAL E 199 -16.40 26.73 2.40
N VAL E 200 -15.13 26.89 2.72
CA VAL E 200 -14.71 27.14 4.09
C VAL E 200 -13.97 28.45 4.22
N LYS E 201 -14.41 29.29 5.14
CA LYS E 201 -13.71 30.51 5.46
C LYS E 201 -13.10 30.34 6.84
N PHE E 202 -11.79 30.57 6.94
CA PHE E 202 -11.11 30.29 8.20
C PHE E 202 -9.94 31.18 8.43
N ARG E 203 -9.46 31.21 9.66
CA ARG E 203 -8.28 31.99 9.96
C ARG E 203 -7.46 31.33 11.03
N GLU E 204 -6.27 31.88 11.24
CA GLU E 204 -5.36 31.46 12.30
C GLU E 204 -6.01 31.78 13.64
N ARG E 205 -6.20 30.78 14.49
CA ARG E 205 -6.76 30.94 15.84
C ARG E 205 -6.69 32.36 16.44
CAY BS2 F . 11.11 -2.65 -25.41
CAL BS2 F . 9.76 -2.87 -25.53
CAF BS2 F . 9.19 -3.96 -24.90
CAD BS2 F . 9.98 -4.83 -24.16
CAJ BS2 F . 11.35 -4.63 -24.06
CAW BS2 F . 11.89 -3.51 -24.67
CAN BS2 F . 13.39 -3.37 -24.51
CAO BS2 F . 13.96 -3.88 -25.85
CAX BS2 F . 13.88 -2.77 -26.90
CAK BS2 F . 14.98 -2.88 -27.78
CAE BS2 F . 15.15 -1.96 -28.81
CAG BS2 F . 14.20 -0.95 -28.96
CAM BS2 F . 13.10 -0.83 -28.08
CAZ BS2 F . 12.94 -1.73 -27.03
CBD BS2 F . 11.62 -1.41 -26.17
OAU BS2 F . 11.58 -0.24 -25.26
CBA BS2 F . 10.38 -0.07 -24.42
CAT BS2 F . 9.29 0.78 -25.10
CAS BS2 F . 10.75 0.63 -23.11
CBB BS2 F . 11.16 2.09 -23.41
CAP BS2 F . 12.13 2.11 -24.61
CAQ BS2 F . 11.18 2.21 -25.83
CBC BS2 F . 9.77 2.23 -25.25
NBE BS2 F . 10.00 2.85 -23.92
CAR BS2 F . 10.34 4.27 -24.21
CAV BS2 F . 11.25 4.99 -23.21
CAH BS2 F . 11.17 4.77 -21.85
CAB BS2 F . 11.99 5.46 -20.97
CAA BS2 F . 12.87 6.40 -21.45
CAC BS2 F . 12.93 6.66 -22.80
CAI BS2 F . 12.13 5.96 -23.70
CAY BS2 G . -23.80 7.10 12.24
CAL BS2 G . -23.45 5.78 12.43
CAF BS2 G . -23.56 4.87 11.39
CAD BS2 G . -24.03 5.27 10.15
CAJ BS2 G . -24.38 6.59 9.97
CAW BS2 G . -24.27 7.53 11.01
CAN BS2 G . -24.71 8.96 10.57
CAO BS2 G . -24.18 10.12 11.41
CAX BS2 G . -24.99 9.94 12.63
CAK BS2 G . -26.04 10.81 12.73
CAE BS2 G . -26.91 10.73 13.82
CAG BS2 G . -26.67 9.73 14.77
CAM BS2 G . -25.59 8.84 14.65
CAZ BS2 G . -24.75 8.94 13.55
CBD BS2 G . -23.58 7.93 13.51
OAU BS2 G . -22.34 8.71 13.54
CBA BS2 G . -21.00 8.18 13.27
CAT BS2 G . -20.27 7.28 14.26
CAS BS2 G . -20.06 9.40 13.48
CBB BS2 G . -20.26 9.98 14.92
CAP BS2 G . -21.76 9.87 15.30
CAQ BS2 G . -21.89 8.40 15.80
CBC BS2 G . -20.46 7.82 15.69
NBE BS2 G . -19.70 9.06 15.91
CAR BS2 G . -18.25 8.98 15.71
CAV BS2 G . -17.58 10.36 15.81
CAH BS2 G . -17.80 11.20 16.90
CAB BS2 G . -17.20 12.44 17.00
CAA BS2 G . -16.34 12.84 16.00
CAC BS2 G . -16.10 12.02 14.90
CAI BS2 G . -16.71 10.77 14.80
CAY BS2 H . -16.34 19.23 -13.76
CAL BS2 H . -17.37 19.15 -12.80
CAF BS2 H . -18.23 20.23 -12.54
CAD BS2 H . -18.07 21.40 -13.27
CAJ BS2 H . -17.05 21.50 -14.21
CAW BS2 H . -16.18 20.42 -14.47
CAN BS2 H . -15.14 20.80 -15.53
CAO BS2 H . -13.98 19.86 -15.80
CAX BS2 H . -13.36 19.21 -14.58
CAK BS2 H . -12.02 19.52 -14.38
CAE BS2 H . -11.32 19.01 -13.30
CAG BS2 H . -11.98 18.18 -12.42
CAM BS2 H . -13.31 17.84 -12.61
CAZ BS2 H . -14.01 18.36 -13.70
CBD BS2 H . -15.49 17.94 -13.82
OAU BS2 H . -15.56 17.23 -15.05
CBA BS2 H . -16.53 16.25 -14.96
CAT BS2 H . -16.03 15.03 -14.17
CAS BS2 H . -16.85 15.81 -16.37
CBB BS2 H . -15.70 14.98 -16.96
CAP BS2 H . -14.39 15.74 -16.75
CAQ BS2 H . -13.89 15.25 -15.39
CBC BS2 H . -14.95 14.27 -14.92
NBE BS2 H . -15.54 13.76 -16.15
CAR BS2 H . -14.60 12.81 -16.80
CAV BS2 H . -15.27 12.21 -18.05
CAH BS2 H . -14.71 12.44 -19.29
CAB BS2 H . -15.29 11.89 -20.42
CAA BS2 H . -16.47 11.17 -20.29
CAC BS2 H . -17.06 10.93 -19.06
CAI BS2 H . -16.45 11.47 -17.93
#